data_7CON
#
_entry.id   7CON
#
_cell.length_a   58.655
_cell.length_b   128.189
_cell.length_c   148.518
_cell.angle_alpha   90.000
_cell.angle_beta   90.000
_cell.angle_gamma   90.000
#
_symmetry.space_group_name_H-M   'P 21 21 21'
#
loop_
_entity.id
_entity.type
_entity.pdbx_description
1 polymer 'Bifunctional cytochrome P450/NADPH--P450 reductase'
2 non-polymer 'PROTOPORPHYRIN IX CONTAINING FE'
3 non-polymer 3-AMINOPROPANE
4 non-polymer '(2S)-3-phenyl-2-[2-[4-(trifluoromethyloxy)phenoxy]ethanoylamino]propanoic acid'
5 non-polymer GLYCEROL
6 water water
#
_entity_poly.entity_id   1
_entity_poly.type   'polypeptide(L)'
_entity_poly.pdbx_seq_one_letter_code
;MTIKEMPQPKTFGELKNLPLLNTDKPVQALMKIADELGEIFKFEAPGRVTRYLSSQRLIKEACDESRFDKNLSQALKFVR
DFAGDGLFTSWTHEKNWKKAHNILLPSFSQQAMKGYHAMMVDIAVQLVQKWERLNADEHIEVPEDMTRLTLDTIGLCGFN
YRFNSFYRDQPHPFITSMVRALDEAMNKLQRANPDDPAYDENKRQFQEDIKVMNDLVDKIIADRKASGEQSDDLLTHMLN
GKDPETGEPLDDENIRYQIITFLIAGHETTSGLLSFALYFLVKNPHVLQKAAEEAARVLVDPVPSYKQVKQLKYVGMVLN
EALRLWPTAPAFSLYAKEDTVLGGEYPLEKGDELMVLIPQLHRDKTIWGDDVEEFRPERFENPSAIPQHAFKPFGNGQRA
CIGQQFALHEATLVLGMMLKHFDFEDHTNYELDIKETLTLKPEGFVVKAKSKKIPL
;
_entity_poly.pdbx_strand_id   A,B
#
# COMPACT_ATOMS: atom_id res chain seq x y z
N ILE A 3 -22.48 -53.68 18.45
CA ILE A 3 -21.90 -53.43 17.07
C ILE A 3 -23.02 -52.88 16.17
N LYS A 4 -22.85 -51.64 15.70
CA LYS A 4 -23.86 -50.85 14.92
C LYS A 4 -23.36 -50.66 13.50
N GLU A 5 -24.30 -50.56 12.55
CA GLU A 5 -24.04 -50.09 11.15
C GLU A 5 -24.13 -48.57 11.11
N MET A 6 -23.08 -47.89 10.64
N MET A 6 -23.11 -47.97 10.50
CA MET A 6 -23.09 -46.40 10.61
CA MET A 6 -22.91 -46.52 10.28
C MET A 6 -23.78 -45.91 9.34
C MET A 6 -23.91 -45.99 9.27
N PRO A 7 -24.51 -44.78 9.43
CA PRO A 7 -25.20 -44.17 8.31
C PRO A 7 -24.21 -43.63 7.27
N GLN A 8 -24.74 -43.33 6.10
CA GLN A 8 -23.97 -42.84 4.93
C GLN A 8 -24.84 -41.85 4.19
N PRO A 9 -24.31 -40.67 3.80
CA PRO A 9 -25.11 -39.72 3.03
C PRO A 9 -25.38 -40.23 1.62
N LYS A 10 -26.21 -39.49 0.89
CA LYS A 10 -26.72 -39.88 -0.44
C LYS A 10 -25.55 -40.14 -1.41
N THR A 11 -25.75 -41.12 -2.29
CA THR A 11 -24.75 -41.59 -3.27
C THR A 11 -25.16 -41.23 -4.70
N PHE A 12 -24.18 -41.31 -5.60
CA PHE A 12 -24.26 -40.92 -7.02
C PHE A 12 -23.73 -42.07 -7.87
N GLY A 13 -24.35 -43.25 -7.74
CA GLY A 13 -23.90 -44.44 -8.47
C GLY A 13 -22.42 -44.71 -8.25
N GLU A 14 -21.65 -44.91 -9.32
CA GLU A 14 -20.24 -45.36 -9.18
C GLU A 14 -19.36 -44.23 -8.60
N LEU A 15 -19.81 -42.97 -8.57
CA LEU A 15 -19.07 -41.86 -7.89
C LEU A 15 -19.31 -41.86 -6.38
N LYS A 16 -20.22 -42.69 -5.88
CA LYS A 16 -20.45 -42.89 -4.42
C LYS A 16 -20.78 -41.52 -3.82
N ASN A 17 -20.08 -41.05 -2.79
CA ASN A 17 -20.40 -39.75 -2.15
C ASN A 17 -19.56 -38.61 -2.73
N LEU A 18 -18.64 -38.87 -3.65
CA LEU A 18 -17.69 -37.83 -4.13
C LEU A 18 -18.43 -36.55 -4.56
N PRO A 19 -19.55 -36.59 -5.34
CA PRO A 19 -20.18 -35.34 -5.79
C PRO A 19 -20.72 -34.43 -4.68
N LEU A 20 -20.80 -34.91 -3.43
CA LEU A 20 -21.17 -34.05 -2.27
C LEU A 20 -20.07 -33.01 -2.04
N LEU A 21 -18.86 -33.24 -2.53
CA LEU A 21 -17.75 -32.26 -2.38
C LEU A 21 -17.72 -31.29 -3.55
N ASN A 22 -18.60 -31.44 -4.55
CA ASN A 22 -18.64 -30.54 -5.73
C ASN A 22 -19.39 -29.26 -5.30
N THR A 23 -18.72 -28.44 -4.50
CA THR A 23 -19.26 -27.20 -3.92
C THR A 23 -18.09 -26.32 -3.51
N ASP A 24 -18.30 -25.00 -3.42
N ASP A 24 -18.33 -25.01 -3.42
CA ASP A 24 -17.23 -24.09 -2.94
CA ASP A 24 -17.34 -24.01 -2.95
C ASP A 24 -17.13 -24.18 -1.41
C ASP A 24 -17.15 -24.18 -1.43
N LYS A 25 -18.07 -24.87 -0.74
CA LYS A 25 -18.09 -24.93 0.76
C LYS A 25 -18.24 -26.37 1.25
N PRO A 26 -17.26 -27.26 0.95
CA PRO A 26 -17.39 -28.68 1.28
C PRO A 26 -17.40 -28.98 2.79
N VAL A 27 -16.60 -28.26 3.58
CA VAL A 27 -16.59 -28.45 5.05
C VAL A 27 -17.98 -28.12 5.60
N GLN A 28 -18.56 -27.00 5.19
CA GLN A 28 -19.92 -26.63 5.68
C GLN A 28 -20.95 -27.66 5.21
N ALA A 29 -20.80 -28.24 4.01
CA ALA A 29 -21.68 -29.32 3.53
C ALA A 29 -21.53 -30.55 4.44
N LEU A 30 -20.30 -30.92 4.81
CA LEU A 30 -20.05 -32.09 5.71
C LEU A 30 -20.64 -31.79 7.10
N MET A 31 -20.59 -30.54 7.56
CA MET A 31 -21.22 -30.16 8.85
C MET A 31 -22.73 -30.39 8.77
N LYS A 32 -23.38 -30.03 7.66
CA LYS A 32 -24.86 -30.24 7.52
C LYS A 32 -25.16 -31.76 7.47
N ILE A 33 -24.33 -32.55 6.80
CA ILE A 33 -24.46 -34.03 6.80
C ILE A 33 -24.36 -34.55 8.24
N ALA A 34 -23.40 -34.05 9.02
CA ALA A 34 -23.23 -34.50 10.42
C ALA A 34 -24.47 -34.12 11.24
N ASP A 35 -25.04 -32.95 11.02
CA ASP A 35 -26.27 -32.52 11.75
C ASP A 35 -27.41 -33.50 11.44
N GLU A 36 -27.52 -33.94 10.20
CA GLU A 36 -28.58 -34.88 9.76
C GLU A 36 -28.32 -36.29 10.29
N LEU A 37 -27.08 -36.80 10.21
CA LEU A 37 -26.79 -38.25 10.40
C LEU A 37 -26.23 -38.54 11.79
N GLY A 38 -25.71 -37.54 12.53
CA GLY A 38 -25.16 -37.75 13.87
C GLY A 38 -23.65 -37.95 13.93
N GLU A 39 -23.19 -38.62 14.98
CA GLU A 39 -21.81 -38.54 15.50
C GLU A 39 -20.83 -39.24 14.55
N ILE A 40 -21.31 -40.11 13.67
CA ILE A 40 -20.40 -40.88 12.78
C ILE A 40 -21.12 -41.19 11.48
N PHE A 41 -20.45 -40.96 10.35
CA PHE A 41 -20.98 -41.44 9.06
C PHE A 41 -19.84 -41.89 8.16
N LYS A 42 -20.18 -42.84 7.30
CA LYS A 42 -19.28 -43.39 6.26
C LYS A 42 -19.30 -42.43 5.08
N PHE A 43 -18.15 -42.21 4.46
CA PHE A 43 -18.05 -41.36 3.25
C PHE A 43 -17.14 -42.09 2.27
N GLU A 44 -17.66 -42.38 1.08
CA GLU A 44 -16.96 -43.20 0.07
C GLU A 44 -16.74 -42.36 -1.19
N ALA A 45 -15.59 -42.53 -1.80
CA ALA A 45 -15.26 -42.06 -3.16
C ALA A 45 -14.68 -43.25 -3.92
N PRO A 46 -14.57 -43.22 -5.26
CA PRO A 46 -13.92 -44.32 -5.97
C PRO A 46 -12.56 -44.56 -5.30
N GLY A 47 -12.35 -45.78 -4.79
CA GLY A 47 -11.06 -46.25 -4.25
C GLY A 47 -10.77 -45.74 -2.85
N ARG A 48 -11.74 -45.11 -2.17
CA ARG A 48 -11.50 -44.54 -0.83
C ARG A 48 -12.72 -44.63 0.09
N VAL A 49 -12.49 -44.99 1.35
N VAL A 49 -12.44 -44.94 1.36
CA VAL A 49 -13.52 -44.90 2.42
CA VAL A 49 -13.41 -44.99 2.49
C VAL A 49 -12.93 -44.19 3.64
C VAL A 49 -12.85 -44.12 3.61
N THR A 50 -13.67 -43.24 4.18
CA THR A 50 -13.36 -42.62 5.48
C THR A 50 -14.63 -42.57 6.32
N ARG A 51 -14.46 -42.19 7.57
CA ARG A 51 -15.57 -42.07 8.54
C ARG A 51 -15.41 -40.73 9.24
N TYR A 52 -16.44 -39.89 9.15
CA TYR A 52 -16.49 -38.54 9.74
C TYR A 52 -17.03 -38.62 11.17
N LEU A 53 -16.20 -38.20 12.13
CA LEU A 53 -16.53 -38.18 13.58
C LEU A 53 -16.89 -36.75 14.00
N SER A 54 -17.96 -36.62 14.76
CA SER A 54 -18.51 -35.32 15.22
C SER A 54 -18.73 -35.28 16.73
N SER A 55 -18.66 -36.39 17.46
CA SER A 55 -18.98 -36.39 18.91
C SER A 55 -17.70 -36.46 19.72
N GLN A 56 -17.70 -35.79 20.87
CA GLN A 56 -16.59 -35.93 21.84
C GLN A 56 -16.48 -37.41 22.26
N ARG A 57 -17.61 -38.12 22.36
CA ARG A 57 -17.63 -39.55 22.80
C ARG A 57 -16.66 -40.36 21.93
N LEU A 58 -16.72 -40.19 20.61
CA LEU A 58 -15.87 -40.97 19.67
C LEU A 58 -14.51 -40.29 19.51
N ILE A 59 -14.47 -38.96 19.46
CA ILE A 59 -13.18 -38.27 19.15
C ILE A 59 -12.21 -38.46 20.32
N LYS A 60 -12.70 -38.54 21.55
CA LYS A 60 -11.79 -38.77 22.70
C LYS A 60 -11.05 -40.10 22.49
N GLU A 61 -11.68 -41.08 21.84
CA GLU A 61 -11.01 -42.38 21.53
C GLU A 61 -10.04 -42.20 20.36
N ALA A 62 -10.46 -41.48 19.32
CA ALA A 62 -9.64 -41.23 18.11
C ALA A 62 -8.34 -40.52 18.51
N CYS A 63 -8.37 -39.75 19.59
CA CYS A 63 -7.20 -38.97 20.08
C CYS A 63 -6.25 -39.83 20.94
N ASP A 64 -6.51 -41.12 21.09
CA ASP A 64 -5.61 -42.07 21.79
C ASP A 64 -4.45 -42.41 20.84
N GLU A 65 -3.26 -41.88 21.09
CA GLU A 65 -2.10 -42.03 20.18
C GLU A 65 -1.61 -43.48 20.17
N SER A 66 -1.99 -44.31 21.15
CA SER A 66 -1.63 -45.73 21.17
C SER A 66 -2.42 -46.49 20.10
N ARG A 67 -3.58 -45.96 19.69
CA ARG A 67 -4.51 -46.64 18.75
C ARG A 67 -4.51 -45.97 17.36
N PHE A 68 -4.29 -44.66 17.28
CA PHE A 68 -4.45 -43.87 16.04
C PHE A 68 -3.26 -42.92 15.87
N ASP A 69 -2.77 -42.80 14.65
CA ASP A 69 -1.70 -41.86 14.24
C ASP A 69 -2.28 -40.90 13.20
N LYS A 70 -1.61 -39.78 12.98
CA LYS A 70 -2.00 -38.81 11.93
C LYS A 70 -1.95 -39.46 10.55
N ASN A 71 -3.04 -39.29 9.80
CA ASN A 71 -3.15 -39.64 8.38
C ASN A 71 -3.04 -38.36 7.54
N LEU A 72 -2.50 -38.49 6.32
CA LEU A 72 -2.59 -37.40 5.33
C LEU A 72 -3.92 -37.59 4.59
N SER A 73 -4.88 -36.71 4.87
CA SER A 73 -6.13 -36.58 4.08
C SER A 73 -5.74 -36.28 2.63
N GLN A 74 -6.69 -36.39 1.71
CA GLN A 74 -6.42 -36.11 0.30
C GLN A 74 -5.94 -34.64 0.18
N ALA A 75 -6.54 -33.71 0.93
CA ALA A 75 -6.12 -32.30 0.93
C ALA A 75 -4.62 -32.25 1.27
N LEU A 76 -4.20 -32.94 2.33
CA LEU A 76 -2.77 -32.83 2.73
C LEU A 76 -1.87 -33.56 1.72
N LYS A 77 -2.34 -34.65 1.10
CA LYS A 77 -1.52 -35.33 0.06
C LYS A 77 -1.30 -34.37 -1.12
N PHE A 78 -2.27 -33.57 -1.50
CA PHE A 78 -2.15 -32.62 -2.63
C PHE A 78 -1.28 -31.41 -2.24
N VAL A 79 -1.39 -30.95 -0.99
CA VAL A 79 -0.54 -29.84 -0.47
C VAL A 79 0.91 -30.33 -0.40
N ARG A 80 1.14 -31.62 -0.14
CA ARG A 80 2.50 -32.21 -0.05
C ARG A 80 3.26 -32.03 -1.37
N ASP A 81 2.55 -31.89 -2.49
CA ASP A 81 3.22 -31.64 -3.79
C ASP A 81 4.04 -30.34 -3.73
N PHE A 82 3.74 -29.39 -2.83
CA PHE A 82 4.59 -28.18 -2.65
C PHE A 82 5.10 -28.03 -1.21
N ALA A 83 4.48 -28.62 -0.19
CA ALA A 83 4.97 -28.49 1.20
C ALA A 83 5.87 -29.67 1.57
N GLY A 84 5.99 -30.65 0.69
CA GLY A 84 6.96 -31.76 0.80
C GLY A 84 6.90 -32.49 2.12
N ASP A 85 8.07 -32.81 2.68
CA ASP A 85 8.16 -33.46 4.01
C ASP A 85 8.46 -32.38 5.06
N GLY A 86 7.87 -31.19 4.91
CA GLY A 86 7.70 -30.26 6.03
C GLY A 86 6.84 -30.86 7.13
N LEU A 87 6.82 -30.28 8.32
CA LEU A 87 6.16 -30.90 9.49
C LEU A 87 4.69 -31.24 9.21
N PHE A 88 3.98 -30.38 8.49
CA PHE A 88 2.51 -30.50 8.37
C PHE A 88 2.11 -31.63 7.43
N THR A 89 2.93 -31.93 6.42
CA THR A 89 2.62 -32.92 5.37
C THR A 89 3.52 -34.16 5.43
N SER A 90 4.26 -34.36 6.52
N SER A 90 4.22 -34.34 6.56
CA SER A 90 5.06 -35.58 6.77
CA SER A 90 5.04 -35.53 6.89
C SER A 90 4.27 -36.60 7.59
C SER A 90 4.21 -36.62 7.59
N TRP A 91 4.53 -37.88 7.32
CA TRP A 91 4.05 -38.98 8.18
C TRP A 91 4.94 -39.03 9.43
N THR A 92 4.37 -39.45 10.55
CA THR A 92 5.06 -39.47 11.86
C THR A 92 6.31 -40.35 11.75
N HIS A 93 6.25 -41.36 10.89
CA HIS A 93 7.31 -42.38 10.75
C HIS A 93 8.43 -41.94 9.78
N GLU A 94 8.28 -40.83 9.07
CA GLU A 94 9.36 -40.34 8.19
C GLU A 94 10.47 -39.71 9.06
N LYS A 95 11.74 -40.02 8.76
CA LYS A 95 12.89 -39.50 9.54
C LYS A 95 12.77 -37.99 9.72
N ASN A 96 12.39 -37.26 8.68
CA ASN A 96 12.39 -35.77 8.72
C ASN A 96 11.28 -35.24 9.64
N TRP A 97 10.27 -36.02 10.03
CA TRP A 97 9.23 -35.50 10.96
C TRP A 97 9.87 -35.29 12.35
N LYS A 98 10.38 -36.36 12.97
CA LYS A 98 10.90 -36.25 14.36
C LYS A 98 12.12 -35.32 14.33
N LYS A 99 12.96 -35.41 13.29
CA LYS A 99 14.19 -34.59 13.26
C LYS A 99 13.80 -33.10 13.25
N ALA A 100 12.90 -32.69 12.36
CA ALA A 100 12.49 -31.27 12.28
C ALA A 100 11.70 -30.89 13.54
N HIS A 101 10.87 -31.79 14.07
CA HIS A 101 10.10 -31.51 15.31
C HIS A 101 11.09 -31.19 16.42
N ASN A 102 12.10 -32.04 16.59
CA ASN A 102 13.07 -31.81 17.70
C ASN A 102 13.79 -30.47 17.51
N ILE A 103 14.23 -30.18 16.29
CA ILE A 103 15.01 -28.95 16.00
C ILE A 103 14.13 -27.71 16.21
N LEU A 104 12.86 -27.77 15.80
CA LEU A 104 12.01 -26.55 15.73
C LEU A 104 11.24 -26.32 17.04
N LEU A 105 11.09 -27.31 17.91
CA LEU A 105 10.25 -27.11 19.12
C LEU A 105 10.75 -25.92 19.92
N PRO A 106 12.08 -25.76 20.19
CA PRO A 106 12.53 -24.57 20.92
C PRO A 106 12.23 -23.24 20.22
N SER A 107 12.12 -23.24 18.90
CA SER A 107 11.82 -22.04 18.07
C SER A 107 10.36 -21.60 18.28
N PHE A 108 9.50 -22.47 18.80
CA PHE A 108 8.04 -22.23 18.86
C PHE A 108 7.52 -22.21 20.28
N SER A 109 8.42 -22.27 21.27
CA SER A 109 8.05 -22.27 22.70
C SER A 109 7.54 -20.89 23.14
N GLN A 110 6.86 -20.83 24.27
CA GLN A 110 6.57 -19.52 24.93
C GLN A 110 7.85 -18.67 25.06
N GLN A 111 8.99 -19.26 25.45
CA GLN A 111 10.28 -18.51 25.61
C GLN A 111 10.65 -17.82 24.29
N ALA A 112 10.53 -18.52 23.16
CA ALA A 112 10.87 -17.98 21.82
C ALA A 112 10.00 -16.76 21.52
N MET A 113 8.76 -16.73 22.02
CA MET A 113 7.83 -15.62 21.69
C MET A 113 8.41 -14.31 22.22
N LYS A 114 9.19 -14.32 23.30
CA LYS A 114 9.79 -13.07 23.83
C LYS A 114 10.66 -12.44 22.75
N GLY A 115 11.32 -13.26 21.93
CA GLY A 115 12.20 -12.79 20.85
C GLY A 115 11.43 -12.37 19.62
N TYR A 116 10.27 -13.00 19.33
CA TYR A 116 9.45 -12.62 18.14
C TYR A 116 8.59 -11.39 18.42
N HIS A 117 8.39 -11.05 19.69
CA HIS A 117 7.39 -10.03 20.10
C HIS A 117 7.65 -8.71 19.36
N ALA A 118 8.89 -8.19 19.33
CA ALA A 118 9.15 -6.87 18.71
C ALA A 118 8.77 -6.90 17.22
N MET A 119 8.99 -8.02 16.53
CA MET A 119 8.65 -8.13 15.09
C MET A 119 7.12 -8.17 14.94
N MET A 120 6.41 -8.85 15.84
CA MET A 120 4.94 -8.88 15.83
C MET A 120 4.39 -7.47 16.06
N VAL A 121 4.98 -6.73 16.99
CA VAL A 121 4.54 -5.35 17.30
C VAL A 121 4.73 -4.46 16.07
N ASP A 122 5.86 -4.63 15.37
CA ASP A 122 6.15 -3.84 14.14
C ASP A 122 4.94 -3.93 13.18
N ILE A 123 4.47 -5.15 12.93
CA ILE A 123 3.35 -5.35 11.98
C ILE A 123 2.03 -4.89 12.64
N ALA A 124 1.80 -5.17 13.91
CA ALA A 124 0.53 -4.77 14.57
C ALA A 124 0.41 -3.23 14.52
N VAL A 125 1.51 -2.54 14.74
CA VAL A 125 1.50 -1.04 14.69
C VAL A 125 1.15 -0.59 13.27
N GLN A 126 1.66 -1.26 12.25
CA GLN A 126 1.29 -0.93 10.84
C GLN A 126 -0.23 -1.08 10.66
N LEU A 127 -0.85 -2.13 11.20
CA LEU A 127 -2.32 -2.30 11.08
C LEU A 127 -3.02 -1.12 11.78
N VAL A 128 -2.65 -0.83 13.03
CA VAL A 128 -3.33 0.25 13.80
C VAL A 128 -3.17 1.57 13.04
N GLN A 129 -1.98 1.89 12.53
N GLN A 129 -1.97 1.88 12.54
CA GLN A 129 -1.75 3.17 11.82
CA GLN A 129 -1.71 3.16 11.82
C GLN A 129 -2.60 3.19 10.54
C GLN A 129 -2.56 3.20 10.55
N LYS A 130 -2.71 2.07 9.83
CA LYS A 130 -3.59 2.05 8.63
C LYS A 130 -5.00 2.49 9.03
N TRP A 131 -5.54 1.89 10.07
CA TRP A 131 -6.95 2.15 10.46
C TRP A 131 -7.09 3.58 11.01
N GLU A 132 -6.05 4.10 11.69
CA GLU A 132 -6.09 5.49 12.22
C GLU A 132 -6.19 6.47 11.05
N ARG A 133 -5.65 6.09 9.89
CA ARG A 133 -5.50 6.97 8.71
C ARG A 133 -6.69 6.85 7.76
N LEU A 134 -7.68 6.02 8.06
CA LEU A 134 -8.88 5.93 7.20
C LEU A 134 -9.69 7.22 7.36
N ASN A 135 -10.34 7.66 6.28
CA ASN A 135 -11.27 8.82 6.28
C ASN A 135 -12.63 8.39 6.83
N ALA A 136 -13.47 9.34 7.25
CA ALA A 136 -14.77 9.05 7.91
C ALA A 136 -15.68 8.21 6.99
N ASP A 137 -15.59 8.37 5.67
CA ASP A 137 -16.51 7.71 4.71
C ASP A 137 -16.09 6.25 4.39
N GLU A 138 -15.02 5.76 5.02
N GLU A 138 -15.06 5.73 5.06
CA GLU A 138 -14.37 4.48 4.64
CA GLU A 138 -14.40 4.47 4.65
C GLU A 138 -14.76 3.36 5.62
C GLU A 138 -14.68 3.37 5.67
N HIS A 139 -14.47 2.12 5.23
CA HIS A 139 -14.65 0.94 6.08
C HIS A 139 -13.37 0.11 5.97
N ILE A 140 -13.33 -0.90 6.82
CA ILE A 140 -12.26 -1.92 6.91
C ILE A 140 -12.74 -3.22 6.25
N GLU A 141 -11.90 -3.76 5.38
CA GLU A 141 -12.08 -5.12 4.80
C GLU A 141 -11.35 -6.08 5.76
N VAL A 142 -12.09 -6.73 6.64
CA VAL A 142 -11.50 -7.38 7.84
C VAL A 142 -10.58 -8.54 7.44
N PRO A 143 -11.05 -9.62 6.76
CA PRO A 143 -10.15 -10.73 6.45
C PRO A 143 -8.97 -10.29 5.58
N GLU A 144 -9.20 -9.32 4.68
CA GLU A 144 -8.12 -8.76 3.83
C GLU A 144 -7.02 -8.19 4.73
N ASP A 145 -7.38 -7.32 5.67
CA ASP A 145 -6.37 -6.67 6.52
C ASP A 145 -5.74 -7.67 7.50
N MET A 146 -6.50 -8.63 8.01
CA MET A 146 -5.93 -9.63 8.95
C MET A 146 -4.93 -10.51 8.18
N THR A 147 -5.17 -10.80 6.90
CA THR A 147 -4.25 -11.65 6.10
C THR A 147 -2.99 -10.86 5.75
N ARG A 148 -3.11 -9.55 5.49
CA ARG A 148 -1.94 -8.67 5.34
C ARG A 148 -1.04 -8.81 6.59
N LEU A 149 -1.65 -8.70 7.76
CA LEU A 149 -0.92 -8.73 9.05
C LEU A 149 -0.23 -10.08 9.23
N THR A 150 -0.96 -11.18 9.16
CA THR A 150 -0.40 -12.50 9.57
C THR A 150 0.64 -12.95 8.56
N LEU A 151 0.45 -12.65 7.27
CA LEU A 151 1.50 -12.93 6.27
C LEU A 151 2.77 -12.14 6.62
N ASP A 152 2.64 -10.85 6.89
CA ASP A 152 3.81 -9.99 7.19
C ASP A 152 4.52 -10.49 8.46
N THR A 153 3.77 -10.91 9.48
CA THR A 153 4.37 -11.37 10.75
C THR A 153 5.25 -12.58 10.47
N ILE A 154 4.74 -13.57 9.72
CA ILE A 154 5.52 -14.83 9.54
C ILE A 154 6.70 -14.56 8.58
N GLY A 155 6.58 -13.62 7.63
CA GLY A 155 7.73 -13.27 6.79
C GLY A 155 8.86 -12.72 7.64
N LEU A 156 8.53 -11.85 8.59
N LEU A 156 8.58 -11.80 8.57
CA LEU A 156 9.54 -11.15 9.42
CA LEU A 156 9.63 -11.22 9.43
C LEU A 156 10.13 -12.12 10.46
C LEU A 156 10.18 -12.30 10.36
N CYS A 157 9.32 -12.93 11.16
CA CYS A 157 9.79 -13.91 12.17
C CYS A 157 10.38 -15.16 11.50
N GLY A 158 9.93 -15.48 10.29
CA GLY A 158 10.38 -16.68 9.56
C GLY A 158 11.76 -16.50 8.96
N PHE A 159 12.01 -15.38 8.27
CA PHE A 159 13.28 -15.20 7.51
C PHE A 159 13.61 -13.72 7.28
N ASN A 160 13.17 -12.83 8.18
CA ASN A 160 13.58 -11.40 8.19
C ASN A 160 13.27 -10.76 6.83
N TYR A 161 12.12 -11.07 6.27
CA TYR A 161 11.66 -10.59 4.94
C TYR A 161 10.38 -9.78 5.15
N ARG A 162 10.31 -8.60 4.52
CA ARG A 162 9.10 -7.74 4.59
C ARG A 162 8.26 -7.96 3.34
N PHE A 163 7.12 -8.64 3.47
CA PHE A 163 6.13 -8.72 2.37
C PHE A 163 5.54 -7.34 2.12
N ASN A 164 5.58 -6.43 3.11
CA ASN A 164 5.07 -5.04 2.95
C ASN A 164 3.62 -5.10 2.43
N SER A 165 2.80 -5.96 3.03
CA SER A 165 1.41 -6.20 2.56
C SER A 165 0.54 -4.96 2.72
N PHE A 166 0.84 -4.07 3.67
CA PHE A 166 0.05 -2.83 3.85
C PHE A 166 0.42 -1.76 2.82
N TYR A 167 1.43 -1.99 1.99
CA TYR A 167 1.88 -1.05 0.93
C TYR A 167 1.31 -1.41 -0.44
N ARG A 168 0.52 -2.47 -0.57
CA ARG A 168 0.08 -2.96 -1.91
C ARG A 168 -1.29 -3.63 -1.84
N ASP A 169 -1.94 -3.70 -2.99
CA ASP A 169 -3.13 -4.54 -3.27
C ASP A 169 -2.69 -5.78 -4.04
N GLN A 170 -1.77 -5.62 -5.01
CA GLN A 170 -1.30 -6.75 -5.85
C GLN A 170 -0.42 -7.66 -4.99
N PRO A 171 -0.71 -8.98 -4.93
CA PRO A 171 0.09 -9.87 -4.10
C PRO A 171 1.54 -9.98 -4.58
N HIS A 172 2.42 -10.33 -3.65
CA HIS A 172 3.80 -10.77 -3.92
C HIS A 172 3.76 -11.94 -4.90
N PRO A 173 4.71 -12.02 -5.88
CA PRO A 173 4.77 -13.18 -6.78
C PRO A 173 4.71 -14.54 -6.08
N PHE A 174 5.39 -14.71 -4.94
CA PHE A 174 5.37 -15.98 -4.18
C PHE A 174 3.92 -16.30 -3.78
N ILE A 175 3.19 -15.30 -3.30
CA ILE A 175 1.82 -15.46 -2.74
C ILE A 175 0.82 -15.70 -3.88
N THR A 176 0.97 -15.04 -5.03
CA THR A 176 0.17 -15.40 -6.23
C THR A 176 0.27 -16.91 -6.46
N SER A 177 1.48 -17.45 -6.51
CA SER A 177 1.72 -18.90 -6.80
C SER A 177 1.20 -19.77 -5.65
N MET A 178 1.45 -19.37 -4.40
CA MET A 178 1.04 -20.17 -3.23
C MET A 178 -0.50 -20.25 -3.17
N VAL A 179 -1.20 -19.13 -3.33
CA VAL A 179 -2.69 -19.11 -3.26
C VAL A 179 -3.25 -19.95 -4.41
N ARG A 180 -2.67 -19.86 -5.60
CA ARG A 180 -3.15 -20.62 -6.79
C ARG A 180 -2.86 -22.12 -6.59
N ALA A 181 -1.72 -22.49 -6.00
CA ALA A 181 -1.37 -23.89 -5.70
C ALA A 181 -2.34 -24.45 -4.66
N LEU A 182 -2.63 -23.68 -3.60
CA LEU A 182 -3.62 -24.11 -2.58
C LEU A 182 -5.00 -24.27 -3.25
N ASP A 183 -5.38 -23.37 -4.15
CA ASP A 183 -6.69 -23.46 -4.85
C ASP A 183 -6.72 -24.75 -5.70
N GLU A 184 -5.64 -25.05 -6.45
CA GLU A 184 -5.57 -26.29 -7.25
C GLU A 184 -5.67 -27.51 -6.31
N ALA A 185 -4.93 -27.53 -5.20
CA ALA A 185 -4.90 -28.70 -4.28
C ALA A 185 -6.32 -28.97 -3.77
N MET A 186 -7.02 -27.92 -3.31
CA MET A 186 -8.36 -28.08 -2.72
C MET A 186 -9.40 -28.36 -3.81
N ASN A 187 -9.27 -27.77 -5.01
N ASN A 187 -9.21 -27.84 -5.03
CA ASN A 187 -10.26 -28.02 -6.11
CA ASN A 187 -10.15 -28.11 -6.17
C ASN A 187 -10.13 -29.46 -6.62
C ASN A 187 -9.97 -29.56 -6.65
N LYS A 188 -8.92 -30.01 -6.59
N LYS A 188 -8.74 -30.09 -6.67
CA LYS A 188 -8.60 -31.35 -7.16
CA LYS A 188 -8.48 -31.47 -7.15
C LYS A 188 -9.28 -32.44 -6.34
C LYS A 188 -9.30 -32.48 -6.33
N LEU A 189 -9.55 -32.19 -5.03
CA LEU A 189 -10.34 -33.08 -4.11
C LEU A 189 -11.65 -33.53 -4.73
N GLN A 190 -12.37 -32.61 -5.37
N GLN A 190 -12.29 -32.61 -5.44
CA GLN A 190 -13.76 -32.84 -5.87
CA GLN A 190 -13.68 -32.69 -5.89
C GLN A 190 -13.76 -33.52 -7.25
C GLN A 190 -13.76 -33.29 -7.30
N ARG A 191 -12.62 -33.55 -7.94
CA ARG A 191 -12.60 -33.96 -9.38
C ARG A 191 -12.91 -35.45 -9.54
N ALA A 192 -14.07 -35.75 -10.15
CA ALA A 192 -14.51 -37.11 -10.49
C ALA A 192 -13.60 -37.70 -11.58
N ASN A 193 -13.11 -36.85 -12.48
CA ASN A 193 -12.34 -37.29 -13.68
C ASN A 193 -11.02 -36.52 -13.79
N PRO A 194 -10.11 -36.61 -12.80
CA PRO A 194 -8.90 -35.80 -12.78
C PRO A 194 -8.00 -35.95 -14.03
N ASP A 195 -8.12 -37.09 -14.71
CA ASP A 195 -7.32 -37.45 -15.91
C ASP A 195 -7.85 -36.76 -17.17
N ASP A 196 -9.08 -36.20 -17.11
CA ASP A 196 -9.73 -35.46 -18.23
C ASP A 196 -8.75 -34.43 -18.78
N PRO A 197 -8.55 -34.36 -20.12
CA PRO A 197 -7.70 -33.33 -20.73
C PRO A 197 -8.06 -31.88 -20.36
N ALA A 198 -9.30 -31.62 -19.94
CA ALA A 198 -9.80 -30.29 -19.52
C ALA A 198 -8.97 -29.75 -18.33
N TYR A 199 -8.24 -30.60 -17.61
CA TYR A 199 -7.40 -30.18 -16.45
C TYR A 199 -5.92 -30.05 -16.84
N ASP A 200 -5.56 -30.13 -18.13
CA ASP A 200 -4.14 -30.04 -18.59
C ASP A 200 -3.56 -28.69 -18.20
N GLU A 201 -4.31 -27.59 -18.38
CA GLU A 201 -3.83 -26.22 -18.08
C GLU A 201 -3.65 -26.08 -16.57
N ASN A 202 -4.61 -26.59 -15.78
CA ASN A 202 -4.50 -26.59 -14.31
C ASN A 202 -3.19 -27.28 -13.89
N LYS A 203 -2.90 -28.45 -14.47
CA LYS A 203 -1.70 -29.25 -14.12
C LYS A 203 -0.44 -28.47 -14.53
N ARG A 204 -0.41 -27.85 -15.71
CA ARG A 204 0.75 -27.04 -16.20
C ARG A 204 0.98 -25.87 -15.22
N GLN A 205 -0.09 -25.14 -14.90
CA GLN A 205 -0.03 -23.96 -14.00
C GLN A 205 0.45 -24.39 -12.61
N PHE A 206 -0.02 -25.53 -12.10
CA PHE A 206 0.37 -26.04 -10.76
C PHE A 206 1.88 -26.30 -10.77
N GLN A 207 2.40 -26.95 -11.82
CA GLN A 207 3.86 -27.24 -11.92
C GLN A 207 4.64 -25.92 -11.94
N GLU A 208 4.15 -24.89 -12.65
CA GLU A 208 4.77 -23.54 -12.74
C GLU A 208 4.77 -22.90 -11.34
N ASP A 209 3.68 -23.01 -10.61
CA ASP A 209 3.55 -22.41 -9.25
C ASP A 209 4.50 -23.11 -8.27
N ILE A 210 4.64 -24.44 -8.36
CA ILE A 210 5.62 -25.19 -7.50
C ILE A 210 7.03 -24.67 -7.79
N LYS A 211 7.39 -24.52 -9.07
CA LYS A 211 8.74 -24.07 -9.46
C LYS A 211 8.95 -22.64 -8.91
N VAL A 212 7.96 -21.75 -9.00
CA VAL A 212 8.08 -20.36 -8.48
C VAL A 212 8.36 -20.41 -6.98
N MET A 213 7.57 -21.16 -6.23
CA MET A 213 7.73 -21.21 -4.76
C MET A 213 9.13 -21.77 -4.44
N ASN A 214 9.55 -22.86 -5.09
CA ASN A 214 10.86 -23.52 -4.83
C ASN A 214 11.99 -22.55 -5.15
N ASP A 215 11.93 -21.90 -6.31
CA ASP A 215 13.03 -21.00 -6.77
C ASP A 215 13.18 -19.84 -5.79
N LEU A 216 12.07 -19.20 -5.41
CA LEU A 216 12.12 -18.01 -4.53
C LEU A 216 12.59 -18.43 -3.13
N VAL A 217 12.12 -19.56 -2.58
CA VAL A 217 12.52 -19.93 -1.20
C VAL A 217 13.96 -20.45 -1.20
N ASP A 218 14.36 -21.20 -2.23
CA ASP A 218 15.76 -21.69 -2.36
C ASP A 218 16.70 -20.47 -2.39
N LYS A 219 16.27 -19.37 -3.02
CA LYS A 219 17.12 -18.16 -3.13
C LYS A 219 17.22 -17.46 -1.77
N ILE A 220 16.13 -17.45 -0.98
N ILE A 220 16.13 -17.46 -0.99
CA ILE A 220 16.17 -16.89 0.39
CA ILE A 220 16.17 -16.89 0.39
C ILE A 220 17.22 -17.65 1.22
C ILE A 220 17.22 -17.65 1.22
N ILE A 221 17.23 -18.98 1.14
CA ILE A 221 18.16 -19.83 1.94
C ILE A 221 19.58 -19.55 1.46
N ALA A 222 19.80 -19.56 0.14
CA ALA A 222 21.15 -19.39 -0.43
C ALA A 222 21.68 -18.00 -0.06
N ASP A 223 20.84 -16.96 -0.15
CA ASP A 223 21.22 -15.55 0.19
C ASP A 223 21.59 -15.44 1.67
N ARG A 224 20.93 -16.17 2.56
CA ARG A 224 21.21 -16.13 4.02
C ARG A 224 22.56 -16.82 4.30
N LYS A 225 22.81 -17.98 3.69
CA LYS A 225 24.06 -18.75 3.89
C LYS A 225 25.24 -17.89 3.43
N ALA A 226 25.07 -17.14 2.35
CA ALA A 226 26.10 -16.26 1.73
C ALA A 226 26.44 -15.07 2.64
N SER A 227 25.42 -14.40 3.19
N SER A 227 25.43 -14.43 3.22
CA SER A 227 25.56 -13.21 4.08
CA SER A 227 25.58 -13.20 4.05
C SER A 227 26.31 -13.60 5.36
C SER A 227 26.19 -13.53 5.41
N GLY A 228 25.93 -14.73 5.94
CA GLY A 228 26.35 -15.14 7.29
C GLY A 228 25.57 -14.44 8.37
N GLU A 229 24.54 -13.65 8.03
CA GLU A 229 23.76 -12.86 9.03
C GLU A 229 23.07 -13.82 10.01
N GLN A 230 23.10 -13.49 11.29
CA GLN A 230 22.58 -14.34 12.39
C GLN A 230 21.35 -13.68 12.99
N SER A 231 20.36 -13.30 12.17
CA SER A 231 19.10 -12.68 12.66
C SER A 231 18.34 -13.73 13.47
N ASP A 232 17.53 -13.29 14.44
CA ASP A 232 16.81 -14.17 15.39
C ASP A 232 15.49 -14.58 14.76
N ASP A 233 15.58 -15.41 13.72
CA ASP A 233 14.39 -15.87 12.97
C ASP A 233 14.47 -17.38 12.79
N LEU A 234 13.37 -17.96 12.33
CA LEU A 234 13.27 -19.42 12.16
C LEU A 234 14.34 -19.93 11.19
N LEU A 235 14.67 -19.16 10.15
CA LEU A 235 15.68 -19.61 9.15
C LEU A 235 17.05 -19.75 9.82
N THR A 236 17.48 -18.81 10.66
CA THR A 236 18.76 -18.92 11.41
C THR A 236 18.69 -20.18 12.28
N HIS A 237 17.59 -20.39 12.99
CA HIS A 237 17.42 -21.54 13.93
C HIS A 237 17.57 -22.84 13.13
N MET A 238 17.01 -22.89 11.91
CA MET A 238 17.08 -24.11 11.07
C MET A 238 18.48 -24.27 10.45
N LEU A 239 19.17 -23.19 10.13
CA LEU A 239 20.55 -23.29 9.56
C LEU A 239 21.54 -23.74 10.64
N ASN A 240 21.30 -23.42 11.91
CA ASN A 240 22.28 -23.64 13.00
C ASN A 240 21.91 -24.86 13.86
N GLY A 241 20.67 -25.31 13.81
CA GLY A 241 20.15 -26.26 14.79
C GLY A 241 20.57 -27.66 14.46
N LYS A 242 20.78 -28.47 15.48
CA LYS A 242 21.09 -29.91 15.36
C LYS A 242 20.03 -30.67 16.16
N ASP A 243 19.52 -31.74 15.56
CA ASP A 243 18.62 -32.68 16.26
C ASP A 243 19.40 -33.36 17.38
N PRO A 244 18.97 -33.27 18.64
CA PRO A 244 19.65 -33.97 19.73
C PRO A 244 19.77 -35.49 19.55
N GLU A 245 18.81 -36.12 18.86
N GLU A 245 18.80 -36.11 18.88
CA GLU A 245 18.72 -37.59 18.69
CA GLU A 245 18.74 -37.58 18.67
C GLU A 245 19.75 -38.03 17.64
C GLU A 245 19.78 -38.00 17.63
N THR A 246 19.57 -37.62 16.37
CA THR A 246 20.46 -37.98 15.23
C THR A 246 21.77 -37.17 15.25
N GLY A 247 21.84 -36.00 15.92
CA GLY A 247 22.98 -35.06 15.83
C GLY A 247 23.03 -34.30 14.51
N GLU A 248 22.07 -34.52 13.63
CA GLU A 248 22.08 -33.96 12.25
C GLU A 248 21.31 -32.65 12.19
N PRO A 249 21.73 -31.73 11.29
CA PRO A 249 20.92 -30.57 10.95
C PRO A 249 19.91 -30.91 9.84
N LEU A 250 18.92 -30.06 9.63
CA LEU A 250 18.04 -30.14 8.44
C LEU A 250 18.85 -29.82 7.18
N ASP A 251 18.55 -30.47 6.07
CA ASP A 251 19.12 -30.11 4.75
C ASP A 251 18.33 -28.96 4.14
N ASP A 252 18.91 -28.30 3.15
CA ASP A 252 18.35 -27.06 2.57
C ASP A 252 16.99 -27.35 1.92
N GLU A 253 16.79 -28.54 1.36
CA GLU A 253 15.49 -28.89 0.75
C GLU A 253 14.42 -28.95 1.84
N ASN A 254 14.69 -29.62 2.94
CA ASN A 254 13.68 -29.70 4.03
C ASN A 254 13.44 -28.29 4.60
N ILE A 255 14.49 -27.48 4.74
CA ILE A 255 14.32 -26.10 5.27
C ILE A 255 13.34 -25.35 4.35
N ARG A 256 13.49 -25.50 3.03
CA ARG A 256 12.58 -24.85 2.05
C ARG A 256 11.14 -25.31 2.32
N TYR A 257 10.92 -26.61 2.49
CA TYR A 257 9.57 -27.15 2.78
C TYR A 257 9.04 -26.57 4.08
N GLN A 258 9.88 -26.42 5.12
CA GLN A 258 9.39 -25.82 6.40
C GLN A 258 8.96 -24.36 6.16
N ILE A 259 9.77 -23.57 5.44
N ILE A 259 9.76 -23.59 5.42
CA ILE A 259 9.42 -22.15 5.15
CA ILE A 259 9.45 -22.16 5.12
C ILE A 259 8.10 -22.08 4.37
C ILE A 259 8.11 -22.07 4.35
N ILE A 260 7.94 -22.89 3.31
CA ILE A 260 6.67 -22.91 2.52
C ILE A 260 5.51 -23.22 3.49
N THR A 261 5.70 -24.18 4.37
CA THR A 261 4.68 -24.61 5.36
C THR A 261 4.30 -23.42 6.27
N PHE A 262 5.29 -22.71 6.80
CA PHE A 262 5.06 -21.57 7.70
C PHE A 262 4.33 -20.45 6.95
N LEU A 263 4.65 -20.21 5.67
CA LEU A 263 3.97 -19.14 4.89
C LEU A 263 2.50 -19.54 4.64
N ILE A 264 2.24 -20.80 4.34
CA ILE A 264 0.84 -21.32 4.21
C ILE A 264 0.11 -21.04 5.53
N ALA A 265 0.69 -21.47 6.64
CA ALA A 265 0.05 -21.35 7.97
C ALA A 265 -0.23 -19.87 8.27
N GLY A 266 0.77 -19.01 8.11
CA GLY A 266 0.60 -17.59 8.51
C GLY A 266 -0.48 -16.91 7.68
N HIS A 267 -0.51 -17.20 6.36
CA HIS A 267 -1.51 -16.67 5.41
C HIS A 267 -2.93 -17.15 5.75
N GLU A 268 -3.08 -18.44 6.07
CA GLU A 268 -4.39 -19.14 6.06
C GLU A 268 -5.05 -19.20 7.44
N THR A 269 -4.30 -19.33 8.55
CA THR A 269 -4.91 -19.72 9.84
C THR A 269 -5.16 -18.51 10.76
N THR A 270 -4.12 -17.87 11.25
CA THR A 270 -4.28 -16.83 12.30
C THR A 270 -5.17 -15.71 11.78
N SER A 271 -5.11 -15.43 10.48
CA SER A 271 -5.94 -14.37 9.86
C SER A 271 -7.43 -14.72 9.96
N GLY A 272 -7.75 -16.00 9.79
CA GLY A 272 -9.13 -16.51 9.98
C GLY A 272 -9.56 -16.32 11.41
N LEU A 273 -8.74 -16.75 12.37
CA LEU A 273 -9.07 -16.62 13.81
C LEU A 273 -9.38 -15.14 14.13
N LEU A 274 -8.50 -14.22 13.73
CA LEU A 274 -8.71 -12.79 14.06
C LEU A 274 -10.01 -12.28 13.43
N SER A 275 -10.28 -12.68 12.19
CA SER A 275 -11.50 -12.27 11.46
C SER A 275 -12.74 -12.79 12.20
N PHE A 276 -12.80 -14.07 12.52
CA PHE A 276 -13.93 -14.63 13.31
C PHE A 276 -14.02 -13.96 14.68
N ALA A 277 -12.90 -13.69 15.35
CA ALA A 277 -12.98 -13.07 16.68
C ALA A 277 -13.64 -11.69 16.55
N LEU A 278 -13.22 -10.89 15.58
CA LEU A 278 -13.82 -9.53 15.42
C LEU A 278 -15.30 -9.66 15.04
N TYR A 279 -15.64 -10.65 14.20
CA TYR A 279 -17.07 -10.89 13.84
C TYR A 279 -17.85 -11.11 15.14
N PHE A 280 -17.39 -12.02 16.01
CA PHE A 280 -18.19 -12.39 17.20
C PHE A 280 -18.26 -11.18 18.14
N LEU A 281 -17.17 -10.43 18.26
CA LEU A 281 -17.19 -9.24 19.15
C LEU A 281 -18.20 -8.21 18.64
N VAL A 282 -18.25 -7.91 17.35
CA VAL A 282 -19.22 -6.86 16.90
C VAL A 282 -20.66 -7.41 16.98
N LYS A 283 -20.87 -8.72 16.92
CA LYS A 283 -22.22 -9.35 17.06
C LYS A 283 -22.62 -9.53 18.53
N ASN A 284 -21.70 -9.33 19.48
CA ASN A 284 -21.94 -9.55 20.93
C ASN A 284 -21.38 -8.37 21.72
N PRO A 285 -22.04 -7.20 21.65
CA PRO A 285 -21.45 -5.99 22.22
C PRO A 285 -21.08 -6.03 23.71
N HIS A 286 -21.79 -6.81 24.54
CA HIS A 286 -21.45 -6.93 25.98
C HIS A 286 -20.07 -7.61 26.09
N VAL A 287 -19.79 -8.58 25.22
CA VAL A 287 -18.49 -9.30 25.20
C VAL A 287 -17.39 -8.34 24.71
N LEU A 288 -17.68 -7.55 23.67
N LEU A 288 -17.66 -7.54 23.67
CA LEU A 288 -16.73 -6.53 23.14
CA LEU A 288 -16.69 -6.54 23.16
C LEU A 288 -16.38 -5.56 24.27
C LEU A 288 -16.36 -5.56 24.29
N GLN A 289 -17.36 -5.09 25.01
CA GLN A 289 -17.15 -4.10 26.09
C GLN A 289 -16.21 -4.72 27.13
N LYS A 290 -16.47 -5.97 27.53
CA LYS A 290 -15.65 -6.65 28.56
C LYS A 290 -14.20 -6.79 28.06
N ALA A 291 -14.00 -7.21 26.80
CA ALA A 291 -12.65 -7.35 26.21
C ALA A 291 -11.98 -5.97 26.12
N ALA A 292 -12.70 -4.95 25.70
CA ALA A 292 -12.17 -3.57 25.56
C ALA A 292 -11.73 -3.06 26.94
N GLU A 293 -12.50 -3.36 27.99
CA GLU A 293 -12.12 -2.93 29.36
C GLU A 293 -10.79 -3.57 29.76
N GLU A 294 -10.61 -4.86 29.46
CA GLU A 294 -9.33 -5.53 29.80
C GLU A 294 -8.20 -4.86 29.02
N ALA A 295 -8.40 -4.58 27.73
CA ALA A 295 -7.33 -4.01 26.88
C ALA A 295 -6.89 -2.65 27.46
N ALA A 296 -7.85 -1.84 27.85
CA ALA A 296 -7.58 -0.51 28.45
C ALA A 296 -6.80 -0.66 29.76
N ARG A 297 -7.18 -1.61 30.61
CA ARG A 297 -6.59 -1.77 31.96
CA ARG A 297 -6.61 -1.81 31.97
C ARG A 297 -5.16 -2.28 31.84
N VAL A 298 -4.89 -3.19 30.91
CA VAL A 298 -3.58 -3.89 30.80
C VAL A 298 -2.58 -3.11 29.93
N LEU A 299 -3.01 -2.60 28.78
CA LEU A 299 -2.09 -2.07 27.75
C LEU A 299 -1.85 -0.58 28.03
N VAL A 300 -1.06 -0.33 29.06
CA VAL A 300 -0.87 1.04 29.64
C VAL A 300 0.30 1.77 28.96
N ASP A 301 1.02 1.12 28.05
CA ASP A 301 2.19 1.72 27.37
C ASP A 301 1.86 1.91 25.88
N PRO A 302 2.55 2.84 25.18
CA PRO A 302 2.30 3.08 23.77
C PRO A 302 2.39 1.81 22.90
N VAL A 303 3.35 0.95 23.23
CA VAL A 303 3.65 -0.36 22.59
C VAL A 303 3.40 -1.47 23.61
N PRO A 304 2.62 -2.55 23.34
CA PRO A 304 2.53 -3.64 24.30
C PRO A 304 3.86 -4.38 24.47
N SER A 305 4.11 -4.85 25.68
CA SER A 305 5.24 -5.76 26.01
C SER A 305 4.72 -7.20 25.98
N TYR A 306 5.66 -8.15 25.92
CA TYR A 306 5.39 -9.61 26.02
C TYR A 306 4.58 -9.87 27.29
N LYS A 307 5.03 -9.33 28.42
CA LYS A 307 4.35 -9.61 29.72
C LYS A 307 2.92 -9.08 29.71
N GLN A 308 2.67 -7.94 29.08
CA GLN A 308 1.30 -7.37 29.03
C GLN A 308 0.41 -8.30 28.20
N VAL A 309 0.91 -8.83 27.10
CA VAL A 309 0.06 -9.74 26.26
C VAL A 309 -0.34 -10.96 27.10
N LYS A 310 0.57 -11.47 27.94
CA LYS A 310 0.30 -12.66 28.79
C LYS A 310 -0.84 -12.35 29.77
N GLN A 311 -1.10 -11.07 30.07
CA GLN A 311 -2.15 -10.67 31.04
C GLN A 311 -3.50 -10.39 30.36
N LEU A 312 -3.56 -10.47 29.03
CA LEU A 312 -4.87 -10.30 28.32
C LEU A 312 -5.66 -11.62 28.39
N LYS A 313 -6.11 -12.01 29.58
CA LYS A 313 -6.70 -13.36 29.81
C LYS A 313 -8.06 -13.45 29.11
N TYR A 314 -8.89 -12.41 29.26
CA TYR A 314 -10.23 -12.40 28.65
C TYR A 314 -10.09 -12.40 27.12
N VAL A 315 -9.13 -11.65 26.60
CA VAL A 315 -8.90 -11.64 25.12
C VAL A 315 -8.58 -13.07 24.69
N GLY A 316 -7.74 -13.77 25.45
CA GLY A 316 -7.41 -15.18 25.18
C GLY A 316 -8.64 -16.07 25.20
N MET A 317 -9.59 -15.82 26.10
CA MET A 317 -10.87 -16.57 26.18
C MET A 317 -11.74 -16.23 24.96
N VAL A 318 -11.73 -14.99 24.50
CA VAL A 318 -12.45 -14.59 23.26
C VAL A 318 -11.89 -15.40 22.08
N LEU A 319 -10.57 -15.49 21.97
CA LEU A 319 -9.93 -16.23 20.85
C LEU A 319 -10.29 -17.72 20.93
N ASN A 320 -10.27 -18.33 22.11
CA ASN A 320 -10.66 -19.75 22.27
C ASN A 320 -12.14 -19.93 21.87
N GLU A 321 -13.03 -19.00 22.22
CA GLU A 321 -14.46 -19.18 21.91
C GLU A 321 -14.67 -18.99 20.40
N ALA A 322 -13.87 -18.15 19.73
CA ALA A 322 -13.93 -18.03 18.26
C ALA A 322 -13.44 -19.33 17.62
N LEU A 323 -12.36 -19.91 18.15
CA LEU A 323 -11.86 -21.22 17.67
C LEU A 323 -12.89 -22.31 17.94
N ARG A 324 -13.67 -22.19 19.01
CA ARG A 324 -14.70 -23.21 19.30
C ARG A 324 -15.73 -23.18 18.16
N LEU A 325 -16.33 -22.03 17.89
CA LEU A 325 -17.43 -21.98 16.90
C LEU A 325 -16.93 -22.12 15.46
N TRP A 326 -15.78 -21.51 15.13
CA TRP A 326 -15.23 -21.59 13.75
C TRP A 326 -13.73 -21.89 13.79
N PRO A 327 -13.35 -23.16 14.04
CA PRO A 327 -11.95 -23.57 14.02
C PRO A 327 -11.45 -23.46 12.57
N THR A 328 -10.55 -22.52 12.32
N THR A 328 -10.56 -22.50 12.34
CA THR A 328 -10.23 -22.07 10.96
CA THR A 328 -10.16 -22.04 10.97
C THR A 328 -9.54 -23.20 10.19
C THR A 328 -9.54 -23.20 10.21
N ALA A 329 -8.77 -24.06 10.88
CA ALA A 329 -8.27 -25.33 10.29
C ALA A 329 -9.28 -26.40 10.70
N PRO A 330 -10.25 -26.79 9.84
CA PRO A 330 -11.48 -27.39 10.35
C PRO A 330 -11.49 -28.92 10.47
N ALA A 331 -10.41 -29.59 10.08
CA ALA A 331 -10.40 -31.06 10.14
C ALA A 331 -8.99 -31.60 10.32
N PHE A 332 -8.90 -32.80 10.87
CA PHE A 332 -7.67 -33.59 10.80
C PHE A 332 -8.06 -35.06 10.62
N SER A 333 -7.09 -35.85 10.19
CA SER A 333 -7.31 -37.25 9.77
C SER A 333 -6.39 -38.16 10.56
N LEU A 334 -6.89 -39.36 10.85
CA LEU A 334 -6.20 -40.40 11.66
C LEU A 334 -6.32 -41.73 10.93
N TYR A 335 -5.40 -42.65 11.21
CA TYR A 335 -5.52 -44.05 10.75
C TYR A 335 -5.34 -44.95 11.97
N ALA A 336 -6.03 -46.09 11.94
CA ALA A 336 -5.95 -47.12 12.99
C ALA A 336 -4.59 -47.82 12.88
N LYS A 337 -3.81 -47.82 13.96
CA LYS A 337 -2.46 -48.46 13.99
C LYS A 337 -2.65 -49.98 14.01
N GLU A 338 -3.75 -50.44 14.60
N GLU A 338 -3.77 -50.44 14.60
CA GLU A 338 -4.11 -51.88 14.66
CA GLU A 338 -4.10 -51.87 14.81
C GLU A 338 -5.63 -52.02 14.65
C GLU A 338 -5.62 -52.02 14.71
N ASP A 339 -6.13 -53.25 14.48
CA ASP A 339 -7.58 -53.52 14.58
C ASP A 339 -8.05 -53.02 15.94
N THR A 340 -9.22 -52.38 15.99
CA THR A 340 -9.73 -51.79 17.24
C THR A 340 -11.21 -51.50 17.09
N VAL A 341 -11.91 -51.37 18.22
CA VAL A 341 -13.35 -51.04 18.23
C VAL A 341 -13.47 -49.62 18.78
N LEU A 342 -14.20 -48.78 18.06
CA LEU A 342 -14.49 -47.38 18.42
C LEU A 342 -15.86 -47.32 19.12
N GLY A 343 -15.91 -46.79 20.34
CA GLY A 343 -17.16 -46.47 21.07
C GLY A 343 -17.98 -47.72 21.38
N GLY A 344 -17.31 -48.87 21.53
CA GLY A 344 -17.91 -50.18 21.79
C GLY A 344 -18.84 -50.63 20.68
N GLU A 345 -18.82 -49.99 19.50
CA GLU A 345 -19.91 -50.13 18.48
C GLU A 345 -19.40 -50.27 17.04
N TYR A 346 -18.24 -49.70 16.69
CA TYR A 346 -17.77 -49.55 15.29
C TYR A 346 -16.40 -50.20 15.14
N PRO A 347 -16.36 -51.46 14.68
CA PRO A 347 -15.09 -52.16 14.44
C PRO A 347 -14.30 -51.52 13.31
N LEU A 348 -13.00 -51.29 13.54
CA LEU A 348 -12.07 -50.80 12.51
C LEU A 348 -10.94 -51.83 12.33
N GLU A 349 -10.45 -51.92 11.11
CA GLU A 349 -9.26 -52.73 10.78
C GLU A 349 -8.04 -51.80 10.73
N LYS A 350 -6.86 -52.36 11.02
CA LYS A 350 -5.56 -51.68 10.83
C LYS A 350 -5.60 -50.94 9.48
N GLY A 351 -5.25 -49.65 9.50
CA GLY A 351 -5.14 -48.83 8.28
C GLY A 351 -6.41 -48.04 8.02
N ASP A 352 -7.53 -48.37 8.67
CA ASP A 352 -8.81 -47.68 8.43
C ASP A 352 -8.65 -46.22 8.85
N GLU A 353 -9.27 -45.32 8.07
N GLU A 353 -9.24 -45.30 8.10
CA GLU A 353 -9.12 -43.85 8.18
CA GLU A 353 -9.02 -43.86 8.30
C GLU A 353 -10.33 -43.24 8.92
C GLU A 353 -10.29 -43.21 8.86
N LEU A 354 -10.07 -42.16 9.66
CA LEU A 354 -11.11 -41.34 10.31
C LEU A 354 -10.83 -39.90 9.95
N MET A 355 -11.90 -39.10 9.80
N MET A 355 -11.89 -39.10 9.82
CA MET A 355 -11.82 -37.63 9.71
CA MET A 355 -11.78 -37.62 9.71
C MET A 355 -12.48 -37.05 10.97
C MET A 355 -12.49 -37.00 10.92
N VAL A 356 -11.79 -36.13 11.64
CA VAL A 356 -12.35 -35.38 12.80
C VAL A 356 -12.90 -34.07 12.23
N LEU A 357 -14.21 -33.88 12.33
CA LEU A 357 -14.88 -32.64 11.86
C LEU A 357 -14.94 -31.67 13.03
N ILE A 358 -13.92 -30.82 13.14
CA ILE A 358 -13.70 -30.02 14.37
C ILE A 358 -14.90 -29.11 14.64
N PRO A 359 -15.49 -28.40 13.65
CA PRO A 359 -16.59 -27.51 14.00
C PRO A 359 -17.79 -28.24 14.62
N GLN A 360 -18.00 -29.51 14.26
N GLN A 360 -17.98 -29.52 14.27
CA GLN A 360 -19.11 -30.32 14.82
CA GLN A 360 -19.12 -30.31 14.79
C GLN A 360 -18.75 -30.79 16.23
C GLN A 360 -18.76 -30.84 16.18
N LEU A 361 -17.51 -31.26 16.43
CA LEU A 361 -17.01 -31.62 17.77
C LEU A 361 -17.35 -30.47 18.72
N HIS A 362 -17.09 -29.23 18.28
CA HIS A 362 -17.23 -28.01 19.10
C HIS A 362 -18.69 -27.62 19.34
N ARG A 363 -19.65 -28.30 18.69
CA ARG A 363 -21.10 -28.06 18.85
C ARG A 363 -21.78 -29.21 19.60
N ASP A 364 -21.00 -30.10 20.22
CA ASP A 364 -21.55 -31.28 20.95
C ASP A 364 -22.28 -30.77 22.20
N LYS A 365 -23.61 -30.82 22.20
CA LYS A 365 -24.42 -30.23 23.29
C LYS A 365 -24.24 -31.01 24.59
N THR A 366 -23.81 -32.27 24.54
CA THR A 366 -23.57 -33.09 25.75
C THR A 366 -22.36 -32.49 26.49
N ILE A 367 -21.51 -31.73 25.80
CA ILE A 367 -20.31 -31.08 26.40
C ILE A 367 -20.65 -29.64 26.82
N TRP A 368 -21.17 -28.85 25.89
CA TRP A 368 -21.24 -27.38 26.05
C TRP A 368 -22.59 -26.91 26.58
N GLY A 369 -23.63 -27.76 26.53
CA GLY A 369 -24.99 -27.42 26.96
C GLY A 369 -25.83 -26.86 25.82
N ASP A 370 -27.05 -26.46 26.13
CA ASP A 370 -28.07 -26.03 25.13
C ASP A 370 -27.70 -24.70 24.49
N ASP A 371 -26.79 -23.91 25.08
CA ASP A 371 -26.43 -22.57 24.57
C ASP A 371 -25.23 -22.66 23.62
N VAL A 372 -25.02 -23.84 23.02
CA VAL A 372 -23.78 -24.19 22.25
C VAL A 372 -23.54 -23.19 21.11
N GLU A 373 -24.58 -22.59 20.52
CA GLU A 373 -24.42 -21.66 19.36
C GLU A 373 -24.12 -20.23 19.84
N GLU A 374 -24.21 -19.97 21.15
CA GLU A 374 -23.95 -18.61 21.71
C GLU A 374 -22.45 -18.40 21.89
N PHE A 375 -22.02 -17.16 21.74
CA PHE A 375 -20.62 -16.72 21.90
C PHE A 375 -20.42 -16.32 23.35
N ARG A 376 -19.81 -17.22 24.14
CA ARG A 376 -19.65 -17.03 25.59
C ARG A 376 -18.22 -17.39 26.01
N PRO A 377 -17.28 -16.45 25.96
CA PRO A 377 -15.87 -16.75 26.29
C PRO A 377 -15.68 -17.31 27.70
N GLU A 378 -16.62 -17.02 28.60
CA GLU A 378 -16.53 -17.47 30.02
C GLU A 378 -16.50 -19.01 30.10
N ARG A 379 -16.93 -19.72 29.05
CA ARG A 379 -16.84 -21.21 28.98
C ARG A 379 -15.41 -21.66 29.25
N PHE A 380 -14.43 -20.81 28.96
CA PHE A 380 -12.98 -21.15 29.02
C PHE A 380 -12.30 -20.66 30.31
N GLU A 381 -13.09 -20.20 31.30
N GLU A 381 -13.08 -20.24 31.32
CA GLU A 381 -12.56 -19.73 32.60
CA GLU A 381 -12.49 -19.70 32.59
C GLU A 381 -11.64 -20.80 33.19
C GLU A 381 -11.73 -20.78 33.35
N ASN A 382 -12.10 -22.05 33.20
CA ASN A 382 -11.47 -23.17 33.95
C ASN A 382 -11.27 -24.36 33.02
N PRO A 383 -10.03 -24.57 32.48
CA PRO A 383 -9.78 -25.72 31.62
C PRO A 383 -10.10 -27.07 32.30
N SER A 384 -10.02 -27.15 33.62
CA SER A 384 -10.29 -28.43 34.32
C SER A 384 -11.79 -28.77 34.28
N ALA A 385 -12.63 -27.80 33.96
CA ALA A 385 -14.09 -28.02 33.89
C ALA A 385 -14.49 -28.44 32.46
N ILE A 386 -13.55 -28.51 31.53
CA ILE A 386 -13.81 -28.91 30.12
C ILE A 386 -13.43 -30.38 29.96
N PRO A 387 -14.35 -31.24 29.50
CA PRO A 387 -14.02 -32.65 29.33
C PRO A 387 -12.84 -32.87 28.40
N GLN A 388 -12.17 -34.01 28.56
CA GLN A 388 -11.00 -34.36 27.72
C GLN A 388 -11.40 -34.38 26.24
N HIS A 389 -10.55 -33.79 25.38
CA HIS A 389 -10.64 -33.89 23.91
C HIS A 389 -11.92 -33.22 23.39
N ALA A 390 -12.51 -32.31 24.17
CA ALA A 390 -13.73 -31.58 23.75
C ALA A 390 -13.35 -30.46 22.78
N PHE A 391 -12.11 -29.98 22.83
CA PHE A 391 -11.69 -28.72 22.17
C PHE A 391 -10.35 -28.97 21.46
N LYS A 392 -10.38 -29.06 20.13
CA LYS A 392 -9.22 -29.55 19.35
C LYS A 392 -8.89 -28.63 18.18
N PRO A 393 -8.91 -27.29 18.31
CA PRO A 393 -8.62 -26.44 17.15
C PRO A 393 -7.16 -26.49 16.64
N PHE A 394 -6.25 -27.04 17.43
CA PHE A 394 -4.80 -27.19 17.09
C PHE A 394 -4.46 -28.67 16.92
N GLY A 395 -5.45 -29.54 16.68
CA GLY A 395 -5.15 -30.95 16.46
C GLY A 395 -4.84 -31.67 17.76
N ASN A 396 -4.12 -32.78 17.65
CA ASN A 396 -3.98 -33.74 18.77
C ASN A 396 -2.54 -34.22 18.93
N GLY A 397 -2.12 -34.32 20.20
CA GLY A 397 -0.94 -35.10 20.60
C GLY A 397 0.35 -34.57 20.00
N GLN A 398 1.27 -35.46 19.68
CA GLN A 398 2.59 -35.06 19.15
C GLN A 398 2.45 -34.40 17.76
N ARG A 399 1.33 -34.63 17.07
CA ARG A 399 1.08 -34.04 15.73
C ARG A 399 0.17 -32.83 15.86
N ALA A 400 0.03 -32.25 17.05
CA ALA A 400 -0.69 -30.99 17.23
C ALA A 400 0.13 -29.84 16.60
N CYS A 401 -0.53 -28.72 16.41
CA CYS A 401 0.05 -27.53 15.78
C CYS A 401 1.31 -27.09 16.52
N ILE A 402 2.45 -27.03 15.84
CA ILE A 402 3.69 -26.47 16.46
C ILE A 402 3.60 -24.94 16.61
N GLY A 403 2.75 -24.31 15.82
CA GLY A 403 2.56 -22.85 15.79
C GLY A 403 1.57 -22.32 16.83
N GLN A 404 1.04 -23.16 17.70
CA GLN A 404 -0.09 -22.74 18.57
C GLN A 404 0.30 -21.53 19.44
N GLN A 405 1.49 -21.57 20.08
N GLN A 405 1.47 -21.53 20.08
CA GLN A 405 1.96 -20.46 20.95
CA GLN A 405 1.85 -20.40 20.96
C GLN A 405 2.13 -19.19 20.09
C GLN A 405 2.14 -19.17 20.10
N PHE A 406 2.73 -19.32 18.91
CA PHE A 406 2.99 -18.20 17.98
C PHE A 406 1.66 -17.55 17.57
N ALA A 407 0.71 -18.36 17.11
CA ALA A 407 -0.60 -17.88 16.62
C ALA A 407 -1.34 -17.15 17.75
N LEU A 408 -1.38 -17.75 18.93
CA LEU A 408 -2.16 -17.13 20.03
C LEU A 408 -1.45 -15.89 20.57
N HIS A 409 -0.12 -15.83 20.54
CA HIS A 409 0.58 -14.60 20.96
C HIS A 409 0.25 -13.46 19.98
N GLU A 410 0.42 -13.71 18.69
CA GLU A 410 0.14 -12.70 17.64
C GLU A 410 -1.32 -12.27 17.78
N ALA A 411 -2.25 -13.22 17.85
CA ALA A 411 -3.69 -12.87 17.82
C ALA A 411 -4.08 -12.10 19.07
N THR A 412 -3.53 -12.45 20.23
CA THR A 412 -3.82 -11.75 21.50
C THR A 412 -3.30 -10.32 21.44
N LEU A 413 -2.05 -10.15 20.99
CA LEU A 413 -1.40 -8.83 20.85
C LEU A 413 -2.27 -7.93 19.96
N VAL A 414 -2.60 -8.43 18.77
CA VAL A 414 -3.30 -7.62 17.74
C VAL A 414 -4.71 -7.30 18.21
N LEU A 415 -5.45 -8.31 18.71
CA LEU A 415 -6.84 -8.05 19.13
C LEU A 415 -6.82 -7.08 20.33
N GLY A 416 -5.88 -7.24 21.26
CA GLY A 416 -5.75 -6.29 22.38
C GLY A 416 -5.50 -4.87 21.88
N MET A 417 -4.60 -4.68 20.90
CA MET A 417 -4.32 -3.34 20.35
C MET A 417 -5.55 -2.81 19.60
N MET A 418 -6.25 -3.66 18.87
CA MET A 418 -7.47 -3.22 18.15
C MET A 418 -8.50 -2.69 19.17
N LEU A 419 -8.68 -3.42 20.28
CA LEU A 419 -9.72 -3.08 21.29
C LEU A 419 -9.29 -1.86 22.11
N LYS A 420 -8.01 -1.65 22.26
CA LYS A 420 -7.48 -0.46 22.96
C LYS A 420 -7.76 0.78 22.11
N HIS A 421 -7.53 0.70 20.80
CA HIS A 421 -7.41 1.91 19.94
C HIS A 421 -8.72 2.32 19.28
N PHE A 422 -9.69 1.42 19.12
CA PHE A 422 -10.91 1.69 18.30
C PHE A 422 -12.18 1.15 18.97
N ASP A 423 -13.27 1.86 18.69
CA ASP A 423 -14.65 1.32 18.80
C ASP A 423 -15.01 0.75 17.42
N PHE A 424 -15.85 -0.25 17.38
CA PHE A 424 -16.21 -0.91 16.10
C PHE A 424 -17.72 -0.84 15.90
N GLU A 425 -18.10 -0.65 14.63
CA GLU A 425 -19.52 -0.64 14.18
C GLU A 425 -19.70 -1.69 13.08
N ASP A 426 -20.72 -2.54 13.24
CA ASP A 426 -21.21 -3.50 12.21
C ASP A 426 -22.19 -2.74 11.32
N HIS A 427 -21.65 -1.84 10.52
CA HIS A 427 -22.43 -0.79 9.82
C HIS A 427 -23.35 -1.40 8.74
N THR A 428 -23.05 -2.61 8.26
CA THR A 428 -23.85 -3.30 7.21
C THR A 428 -24.76 -4.40 7.77
N ASN A 429 -24.73 -4.65 9.09
CA ASN A 429 -25.45 -5.81 9.69
C ASN A 429 -25.02 -7.07 8.92
N TYR A 430 -23.71 -7.29 8.88
CA TYR A 430 -23.06 -8.33 8.04
C TYR A 430 -23.65 -9.71 8.34
N GLU A 431 -24.02 -10.42 7.28
CA GLU A 431 -24.45 -11.84 7.32
C GLU A 431 -23.23 -12.73 7.09
N LEU A 432 -22.88 -13.56 8.08
CA LEU A 432 -21.69 -14.43 8.00
C LEU A 432 -21.76 -15.27 6.72
N ASP A 433 -20.69 -15.18 5.93
CA ASP A 433 -20.45 -15.93 4.68
C ASP A 433 -19.02 -16.46 4.80
N ILE A 434 -18.86 -17.79 4.87
CA ILE A 434 -17.55 -18.41 5.17
C ILE A 434 -16.97 -18.98 3.88
N LYS A 435 -15.86 -18.40 3.45
CA LYS A 435 -15.11 -18.88 2.26
C LYS A 435 -14.16 -19.98 2.73
N GLU A 436 -14.00 -21.02 1.92
CA GLU A 436 -13.11 -22.16 2.21
C GLU A 436 -11.94 -22.15 1.22
N THR A 437 -10.73 -22.05 1.76
CA THR A 437 -9.47 -22.28 1.00
C THR A 437 -8.88 -23.57 1.56
N LEU A 438 -7.63 -23.56 2.03
CA LEU A 438 -7.23 -24.64 2.96
C LEU A 438 -8.07 -24.47 4.24
N THR A 439 -8.44 -23.24 4.57
CA THR A 439 -9.03 -22.85 5.87
C THR A 439 -10.36 -22.13 5.68
N LEU A 440 -11.00 -21.84 6.80
CA LEU A 440 -12.27 -21.09 6.88
C LEU A 440 -11.98 -19.64 7.20
N LYS A 441 -12.59 -18.71 6.45
CA LYS A 441 -12.49 -17.29 6.76
C LYS A 441 -13.81 -16.61 6.42
N PRO A 442 -14.21 -15.59 7.17
CA PRO A 442 -15.35 -14.78 6.74
C PRO A 442 -14.95 -14.16 5.39
N GLU A 443 -15.92 -14.10 4.48
CA GLU A 443 -15.81 -13.36 3.21
C GLU A 443 -16.73 -12.14 3.25
N GLY A 444 -16.22 -10.98 2.83
CA GLY A 444 -17.05 -9.77 2.67
C GLY A 444 -17.31 -9.09 4.01
N PHE A 445 -16.67 -9.55 5.07
CA PHE A 445 -16.85 -8.97 6.43
C PHE A 445 -16.18 -7.59 6.46
N VAL A 446 -16.99 -6.57 6.67
CA VAL A 446 -16.55 -5.15 6.74
C VAL A 446 -17.07 -4.54 8.04
N VAL A 447 -16.30 -3.62 8.60
CA VAL A 447 -16.69 -2.83 9.79
C VAL A 447 -16.20 -1.40 9.61
N LYS A 448 -16.74 -0.48 10.41
CA LYS A 448 -16.17 0.87 10.63
C LYS A 448 -15.52 0.87 12.01
N ALA A 449 -14.34 1.48 12.08
CA ALA A 449 -13.60 1.76 13.33
C ALA A 449 -13.74 3.26 13.61
N LYS A 450 -14.00 3.61 14.86
CA LYS A 450 -14.00 5.00 15.36
C LYS A 450 -12.82 5.08 16.33
N SER A 451 -11.80 5.84 15.97
CA SER A 451 -10.57 5.96 16.79
C SER A 451 -10.93 6.50 18.17
N LYS A 452 -10.36 5.89 19.20
CA LYS A 452 -10.35 6.44 20.59
C LYS A 452 -9.28 7.55 20.70
N LYS A 453 -8.50 7.80 19.64
CA LYS A 453 -7.46 8.87 19.59
C LYS A 453 -6.45 8.68 20.72
N ILE A 454 -5.97 7.45 20.89
CA ILE A 454 -4.87 7.12 21.84
C ILE A 454 -3.59 6.97 21.03
N PRO A 455 -2.58 7.83 21.30
CA PRO A 455 -1.34 7.81 20.55
C PRO A 455 -0.55 6.51 20.73
N LEU A 456 0.24 6.17 19.71
CA LEU A 456 1.24 5.07 19.71
C LEU A 456 2.59 5.67 20.10
N ILE B 3 15.25 47.98 -35.59
CA ILE B 3 14.06 47.04 -35.65
C ILE B 3 14.47 45.81 -36.47
N LYS B 4 14.25 44.62 -35.90
CA LYS B 4 14.74 43.31 -36.42
C LYS B 4 13.56 42.41 -36.76
N GLU B 5 13.77 41.52 -37.73
CA GLU B 5 12.90 40.36 -38.04
C GLU B 5 13.34 39.13 -37.23
N MET B 6 12.45 38.54 -36.45
N MET B 6 12.35 38.49 -36.62
CA MET B 6 12.84 37.38 -35.61
CA MET B 6 12.43 37.31 -35.75
C MET B 6 12.73 36.11 -36.43
C MET B 6 12.76 36.08 -36.61
N PRO B 7 13.60 35.11 -36.16
CA PRO B 7 13.58 33.82 -36.83
C PRO B 7 12.34 32.99 -36.48
N GLN B 8 12.09 31.96 -37.28
CA GLN B 8 10.90 31.08 -37.17
C GLN B 8 11.33 29.68 -37.55
N PRO B 9 10.96 28.65 -36.77
CA PRO B 9 11.33 27.29 -37.13
C PRO B 9 10.55 26.79 -38.35
N LYS B 10 10.89 25.59 -38.78
CA LYS B 10 10.39 25.01 -40.04
C LYS B 10 8.86 24.88 -40.02
N THR B 11 8.26 25.07 -41.20
CA THR B 11 6.79 25.09 -41.40
C THR B 11 6.30 23.88 -42.21
N PHE B 12 4.98 23.70 -42.14
CA PHE B 12 4.25 22.52 -42.67
C PHE B 12 3.05 23.05 -43.46
N GLY B 13 3.28 23.89 -44.46
CA GLY B 13 2.21 24.52 -45.26
C GLY B 13 1.22 25.26 -44.38
N GLU B 14 -0.07 25.00 -44.57
CA GLU B 14 -1.16 25.73 -43.89
C GLU B 14 -1.18 25.38 -42.40
N LEU B 15 -0.51 24.30 -41.98
CA LEU B 15 -0.42 23.99 -40.52
C LEU B 15 0.66 24.84 -39.83
N LYS B 16 1.45 25.60 -40.59
CA LYS B 16 2.48 26.51 -40.02
C LYS B 16 3.41 25.68 -39.12
N ASN B 17 3.63 26.08 -37.86
CA ASN B 17 4.60 25.38 -36.98
C ASN B 17 3.90 24.32 -36.12
N LEU B 18 2.56 24.20 -36.20
CA LEU B 18 1.80 23.32 -35.27
C LEU B 18 2.37 21.89 -35.23
N PRO B 19 2.76 21.26 -36.36
CA PRO B 19 3.28 19.89 -36.28
C PRO B 19 4.57 19.68 -35.47
N LEU B 20 5.30 20.74 -35.13
CA LEU B 20 6.48 20.67 -34.23
C LEU B 20 6.05 20.23 -32.81
N LEU B 21 4.77 20.42 -32.47
CA LEU B 21 4.27 20.00 -31.13
C LEU B 21 3.74 18.58 -31.15
N ASN B 22 3.65 17.92 -32.30
CA ASN B 22 3.19 16.52 -32.40
C ASN B 22 4.35 15.59 -31.98
N THR B 23 4.60 15.57 -30.68
CA THR B 23 5.67 14.80 -30.00
C THR B 23 5.23 14.62 -28.55
N ASP B 24 5.67 13.57 -27.86
N ASP B 24 5.73 13.57 -27.89
CA ASP B 24 5.38 13.40 -26.42
CA ASP B 24 5.52 13.30 -26.44
C ASP B 24 6.21 14.40 -25.60
C ASP B 24 6.23 14.37 -25.61
N LYS B 25 7.19 15.09 -26.20
CA LYS B 25 8.11 16.00 -25.44
C LYS B 25 8.18 17.37 -26.11
N PRO B 26 7.05 18.10 -26.17
CA PRO B 26 7.00 19.38 -26.87
C PRO B 26 7.86 20.49 -26.23
N VAL B 27 7.96 20.55 -24.91
CA VAL B 27 8.79 21.61 -24.26
C VAL B 27 10.26 21.35 -24.62
N GLN B 28 10.70 20.10 -24.57
CA GLN B 28 12.10 19.76 -24.94
C GLN B 28 12.34 20.09 -26.43
N ALA B 29 11.34 19.88 -27.28
CA ALA B 29 11.46 20.24 -28.72
C ALA B 29 11.65 21.76 -28.83
N LEU B 30 10.86 22.54 -28.08
CA LEU B 30 10.97 24.02 -28.13
C LEU B 30 12.34 24.47 -27.61
N MET B 31 12.86 23.80 -26.58
CA MET B 31 14.20 24.09 -26.05
C MET B 31 15.25 23.94 -27.17
N LYS B 32 15.17 22.87 -27.95
CA LYS B 32 16.13 22.60 -29.06
C LYS B 32 15.97 23.67 -30.15
N ILE B 33 14.74 24.09 -30.44
CA ILE B 33 14.49 25.21 -31.40
C ILE B 33 15.14 26.50 -30.87
N ALA B 34 14.97 26.81 -29.58
CA ALA B 34 15.62 27.98 -28.97
C ALA B 34 17.14 27.86 -29.09
N ASP B 35 17.70 26.66 -28.90
CA ASP B 35 19.18 26.50 -28.98
C ASP B 35 19.65 26.84 -30.41
N GLU B 36 18.84 26.47 -31.40
CA GLU B 36 19.14 26.72 -32.84
C GLU B 36 18.90 28.20 -33.19
N LEU B 37 17.79 28.80 -32.76
CA LEU B 37 17.35 30.13 -33.29
C LEU B 37 17.69 31.29 -32.38
N GLY B 38 17.89 31.08 -31.07
CA GLY B 38 18.38 32.13 -30.18
C GLY B 38 17.31 32.68 -29.24
N GLU B 39 17.48 33.93 -28.84
CA GLU B 39 16.73 34.50 -27.68
C GLU B 39 15.25 34.70 -28.02
N ILE B 40 14.88 34.76 -29.30
CA ILE B 40 13.46 35.00 -29.66
C ILE B 40 13.15 34.29 -30.97
N PHE B 41 12.00 33.63 -31.04
CA PHE B 41 11.50 33.08 -32.33
C PHE B 41 9.98 33.17 -32.35
N LYS B 42 9.48 33.37 -33.57
CA LYS B 42 8.04 33.37 -33.88
C LYS B 42 7.57 31.93 -34.01
N PHE B 43 6.38 31.65 -33.49
CA PHE B 43 5.75 30.31 -33.59
C PHE B 43 4.30 30.52 -33.97
N GLU B 44 3.90 29.95 -35.12
CA GLU B 44 2.55 30.12 -35.66
C GLU B 44 1.82 28.79 -35.68
N ALA B 45 0.52 28.82 -35.39
CA ALA B 45 -0.41 27.73 -35.70
C ALA B 45 -1.60 28.38 -36.40
N PRO B 46 -2.48 27.59 -37.05
CA PRO B 46 -3.70 28.17 -37.64
C PRO B 46 -4.45 29.07 -36.64
N GLY B 47 -4.55 30.36 -36.96
CA GLY B 47 -5.24 31.37 -36.14
C GLY B 47 -4.50 31.76 -34.87
N ARG B 48 -3.21 31.44 -34.72
CA ARG B 48 -2.45 31.76 -33.48
C ARG B 48 -1.01 32.17 -33.82
N VAL B 49 -0.52 33.25 -33.21
N VAL B 49 -0.53 33.22 -33.15
CA VAL B 49 0.92 33.60 -33.24
CA VAL B 49 0.88 33.69 -33.20
C VAL B 49 1.38 33.88 -31.80
C VAL B 49 1.38 33.90 -31.77
N THR B 50 2.53 33.33 -31.44
CA THR B 50 3.23 33.68 -30.18
C THR B 50 4.70 33.84 -30.51
N ARG B 51 5.43 34.35 -29.53
CA ARG B 51 6.90 34.55 -29.61
C ARG B 51 7.54 33.93 -28.37
N TYR B 52 8.46 33.00 -28.58
CA TYR B 52 9.19 32.30 -27.49
C TYR B 52 10.46 33.07 -27.13
N LEU B 53 10.55 33.48 -25.86
CA LEU B 53 11.70 34.23 -25.30
C LEU B 53 12.58 33.29 -24.47
N SER B 54 13.90 33.43 -24.62
CA SER B 54 14.89 32.53 -23.96
C SER B 54 15.98 33.33 -23.21
N SER B 55 16.10 34.65 -23.43
CA SER B 55 17.20 35.46 -22.84
C SER B 55 16.67 36.25 -21.65
N GLN B 56 17.53 36.45 -20.66
CA GLN B 56 17.25 37.33 -19.51
C GLN B 56 17.02 38.75 -20.04
N ARG B 57 17.76 39.16 -21.08
CA ARG B 57 17.63 40.53 -21.65
C ARG B 57 16.18 40.79 -22.04
N LEU B 58 15.52 39.86 -22.73
CA LEU B 58 14.12 40.09 -23.19
C LEU B 58 13.12 39.71 -22.08
N ILE B 59 13.38 38.64 -21.32
CA ILE B 59 12.41 38.17 -20.29
C ILE B 59 12.29 39.23 -19.19
N LYS B 60 13.36 39.95 -18.86
CA LYS B 60 13.26 41.01 -17.83
C LYS B 60 12.24 42.07 -18.27
N GLU B 61 12.13 42.37 -19.56
CA GLU B 61 11.13 43.33 -20.08
C GLU B 61 9.72 42.71 -20.00
N ALA B 62 9.61 41.43 -20.39
CA ALA B 62 8.32 40.72 -20.37
C ALA B 62 7.77 40.68 -18.94
N CYS B 63 8.65 40.72 -17.94
CA CYS B 63 8.26 40.63 -16.50
C CYS B 63 7.91 42.01 -15.92
N ASP B 64 7.94 43.06 -16.73
CA ASP B 64 7.47 44.40 -16.33
C ASP B 64 5.94 44.41 -16.36
N GLU B 65 5.32 44.38 -15.18
CA GLU B 65 3.86 44.23 -15.02
C GLU B 65 3.14 45.49 -15.55
N SER B 66 3.84 46.60 -15.73
CA SER B 66 3.22 47.83 -16.30
C SER B 66 3.01 47.66 -17.80
N ARG B 67 3.74 46.73 -18.43
CA ARG B 67 3.72 46.55 -19.91
C ARG B 67 3.05 45.24 -20.31
N PHE B 68 3.11 44.21 -19.46
CA PHE B 68 2.63 42.84 -19.79
C PHE B 68 1.87 42.24 -18.62
N ASP B 69 0.81 41.50 -18.93
CA ASP B 69 0.01 40.75 -17.92
C ASP B 69 0.02 39.27 -18.27
N LYS B 70 -0.33 38.43 -17.32
CA LYS B 70 -0.48 36.97 -17.56
C LYS B 70 -1.50 36.72 -18.66
N ASN B 71 -1.09 35.88 -19.61
CA ASN B 71 -1.96 35.31 -20.65
C ASN B 71 -2.27 33.85 -20.30
N LEU B 72 -3.45 33.35 -20.65
CA LEU B 72 -3.70 31.89 -20.63
C LEU B 72 -3.20 31.34 -21.98
N SER B 73 -2.13 30.57 -21.92
CA SER B 73 -1.62 29.72 -23.03
C SER B 73 -2.71 28.74 -23.44
N GLN B 74 -2.57 28.08 -24.58
CA GLN B 74 -3.56 27.06 -24.98
C GLN B 74 -3.63 25.97 -23.89
N ALA B 75 -2.51 25.58 -23.28
CA ALA B 75 -2.50 24.55 -22.21
C ALA B 75 -3.43 25.02 -21.08
N LEU B 76 -3.28 26.25 -20.62
CA LEU B 76 -4.07 26.76 -19.47
C LEU B 76 -5.54 26.94 -19.87
N LYS B 77 -5.83 27.32 -21.12
CA LYS B 77 -7.24 27.44 -21.58
C LYS B 77 -7.91 26.06 -21.50
N PHE B 78 -7.19 25.01 -21.86
CA PHE B 78 -7.75 23.64 -21.83
C PHE B 78 -7.82 23.15 -20.37
N VAL B 79 -6.86 23.50 -19.51
CA VAL B 79 -6.93 23.14 -18.08
C VAL B 79 -8.10 23.89 -17.44
N ARG B 80 -8.40 25.11 -17.90
CA ARG B 80 -9.53 25.91 -17.36
C ARG B 80 -10.87 25.15 -17.48
N ASP B 81 -11.00 24.22 -18.43
CA ASP B 81 -12.25 23.45 -18.53
C ASP B 81 -12.52 22.65 -17.25
N PHE B 82 -11.53 22.39 -16.40
CA PHE B 82 -11.77 21.69 -15.10
C PHE B 82 -11.26 22.51 -13.91
N ALA B 83 -10.35 23.49 -14.09
CA ALA B 83 -9.85 24.31 -12.97
C ALA B 83 -10.57 25.66 -12.91
N GLY B 84 -11.41 25.97 -13.89
CA GLY B 84 -12.35 27.09 -13.84
C GLY B 84 -11.65 28.40 -13.63
N ASP B 85 -12.22 29.24 -12.75
CA ASP B 85 -11.59 30.53 -12.39
C ASP B 85 -10.90 30.38 -11.03
N GLY B 86 -10.28 29.23 -10.78
CA GLY B 86 -9.26 29.10 -9.75
C GLY B 86 -8.08 30.03 -10.04
N LEU B 87 -7.14 30.14 -9.10
CA LEU B 87 -6.09 31.17 -9.21
C LEU B 87 -5.21 30.95 -10.45
N PHE B 88 -4.93 29.70 -10.81
CA PHE B 88 -3.95 29.38 -11.87
C PHE B 88 -4.54 29.65 -13.27
N THR B 89 -5.84 29.50 -13.45
CA THR B 89 -6.50 29.58 -14.79
C THR B 89 -7.45 30.78 -14.90
N SER B 90 -7.40 31.74 -13.97
N SER B 90 -7.34 31.74 -13.98
CA SER B 90 -8.13 33.02 -14.07
CA SER B 90 -8.04 33.04 -14.01
C SER B 90 -7.26 34.10 -14.72
C SER B 90 -7.23 34.09 -14.77
N TRP B 91 -7.94 35.01 -15.42
CA TRP B 91 -7.34 36.27 -15.91
C TRP B 91 -7.26 37.22 -14.72
N THR B 92 -6.28 38.10 -14.74
CA THR B 92 -6.01 39.08 -13.65
C THR B 92 -7.24 39.98 -13.46
N HIS B 93 -7.99 40.24 -14.52
CA HIS B 93 -9.14 41.20 -14.50
C HIS B 93 -10.43 40.51 -14.07
N GLU B 94 -10.47 39.18 -13.90
CA GLU B 94 -11.70 38.52 -13.41
C GLU B 94 -11.82 38.80 -11.91
N LYS B 95 -13.03 39.12 -11.46
CA LYS B 95 -13.24 39.47 -10.03
C LYS B 95 -12.67 38.37 -9.13
N ASN B 96 -12.86 37.11 -9.48
CA ASN B 96 -12.46 35.99 -8.58
C ASN B 96 -10.93 35.86 -8.50
N TRP B 97 -10.15 36.44 -9.41
CA TRP B 97 -8.68 36.36 -9.24
C TRP B 97 -8.27 37.16 -8.00
N LYS B 98 -8.50 38.47 -7.98
CA LYS B 98 -7.98 39.32 -6.88
C LYS B 98 -8.67 38.89 -5.58
N LYS B 99 -9.94 38.53 -5.65
CA LYS B 99 -10.69 38.12 -4.44
C LYS B 99 -10.01 36.89 -3.81
N ALA B 100 -9.78 35.84 -4.57
CA ALA B 100 -9.16 34.59 -4.05
C ALA B 100 -7.71 34.87 -3.63
N HIS B 101 -7.01 35.70 -4.39
CA HIS B 101 -5.60 36.07 -4.10
C HIS B 101 -5.55 36.70 -2.71
N ASN B 102 -6.40 37.70 -2.45
CA ASN B 102 -6.38 38.43 -1.16
C ASN B 102 -6.72 37.46 -0.01
N ILE B 103 -7.69 36.58 -0.21
CA ILE B 103 -8.16 35.61 0.82
C ILE B 103 -7.05 34.58 1.07
N LEU B 104 -6.42 34.06 0.02
CA LEU B 104 -5.50 32.91 0.17
C LEU B 104 -4.05 33.33 0.47
N LEU B 105 -3.63 34.57 0.18
CA LEU B 105 -2.20 34.97 0.38
C LEU B 105 -1.76 34.61 1.81
N PRO B 106 -2.53 34.93 2.88
CA PRO B 106 -2.04 34.63 4.23
C PRO B 106 -1.94 33.14 4.56
N SER B 107 -2.70 32.30 3.86
CA SER B 107 -2.74 30.83 4.04
C SER B 107 -1.44 30.24 3.44
N PHE B 108 -0.70 31.00 2.66
CA PHE B 108 0.45 30.47 1.86
C PHE B 108 1.75 31.17 2.24
N SER B 109 1.71 31.99 3.28
CA SER B 109 2.86 32.83 3.68
C SER B 109 3.89 31.94 4.40
N GLN B 110 5.11 32.43 4.53
CA GLN B 110 6.14 31.69 5.29
C GLN B 110 5.63 31.46 6.71
N GLN B 111 4.95 32.44 7.31
CA GLN B 111 4.38 32.30 8.68
C GLN B 111 3.40 31.11 8.72
N ALA B 112 2.55 30.92 7.69
CA ALA B 112 1.52 29.84 7.68
C ALA B 112 2.21 28.47 7.65
N MET B 113 3.43 28.39 7.15
CA MET B 113 4.10 27.07 7.04
C MET B 113 4.26 26.44 8.41
N LYS B 114 4.43 27.23 9.48
CA LYS B 114 4.55 26.64 10.84
C LYS B 114 3.34 25.76 11.13
N GLY B 115 2.17 26.16 10.62
CA GLY B 115 0.90 25.44 10.87
C GLY B 115 0.77 24.17 10.06
N TYR B 116 1.37 24.11 8.87
CA TYR B 116 1.25 22.93 7.97
C TYR B 116 2.35 21.92 8.28
N HIS B 117 3.37 22.33 9.02
CA HIS B 117 4.61 21.53 9.22
C HIS B 117 4.27 20.12 9.76
N ALA B 118 3.44 20.02 10.78
CA ALA B 118 3.12 18.72 11.42
C ALA B 118 2.48 17.76 10.41
N MET B 119 1.61 18.26 9.53
CA MET B 119 0.96 17.41 8.51
C MET B 119 2.01 16.99 7.47
N MET B 120 2.91 17.90 7.07
CA MET B 120 3.98 17.54 6.11
C MET B 120 4.85 16.46 6.73
N VAL B 121 5.20 16.58 8.01
CA VAL B 121 6.05 15.57 8.70
C VAL B 121 5.36 14.18 8.70
N ASP B 122 4.04 14.16 8.91
CA ASP B 122 3.25 12.90 8.93
C ASP B 122 3.54 12.13 7.63
N ILE B 123 3.40 12.82 6.50
CA ILE B 123 3.59 12.17 5.17
C ILE B 123 5.08 11.84 4.95
N ALA B 124 6.00 12.74 5.28
CA ALA B 124 7.45 12.50 5.09
C ALA B 124 7.88 11.27 5.89
N VAL B 125 7.36 11.12 7.11
CA VAL B 125 7.71 9.94 7.94
C VAL B 125 7.16 8.68 7.27
N GLN B 126 5.98 8.72 6.64
CA GLN B 126 5.45 7.55 5.90
C GLN B 126 6.43 7.17 4.77
N LEU B 127 7.00 8.16 4.06
CA LEU B 127 7.96 7.88 2.97
C LEU B 127 9.20 7.22 3.58
N VAL B 128 9.72 7.79 4.64
CA VAL B 128 10.98 7.25 5.25
C VAL B 128 10.71 5.82 5.72
N GLN B 129 9.56 5.56 6.35
CA GLN B 129 9.26 4.19 6.85
C GLN B 129 9.11 3.22 5.66
N LYS B 130 8.49 3.64 4.58
CA LYS B 130 8.37 2.77 3.38
C LYS B 130 9.78 2.33 2.96
N TRP B 131 10.68 3.28 2.81
CA TRP B 131 12.05 2.98 2.32
C TRP B 131 12.82 2.16 3.36
N GLU B 132 12.64 2.42 4.65
CA GLU B 132 13.30 1.60 5.71
C GLU B 132 12.86 0.12 5.59
N ARG B 133 11.65 -0.10 5.10
CA ARG B 133 11.00 -1.45 5.08
C ARG B 133 11.24 -2.18 3.77
N LEU B 134 11.94 -1.59 2.81
CA LEU B 134 12.31 -2.34 1.59
C LEU B 134 13.35 -3.41 1.92
N ASN B 135 13.27 -4.51 1.19
CA ASN B 135 14.25 -5.62 1.28
C ASN B 135 15.52 -5.25 0.49
N ALA B 136 16.61 -5.97 0.74
CA ALA B 136 17.95 -5.75 0.13
C ALA B 136 17.86 -5.76 -1.40
N ASP B 137 17.01 -6.62 -1.97
CA ASP B 137 16.91 -6.89 -3.43
C ASP B 137 15.97 -5.90 -4.14
N GLU B 138 15.46 -4.89 -3.43
N GLU B 138 15.52 -4.84 -3.46
CA GLU B 138 14.46 -3.95 -3.99
CA GLU B 138 14.46 -3.95 -3.99
C GLU B 138 15.14 -2.66 -4.45
C GLU B 138 14.98 -2.51 -4.20
N HIS B 139 14.39 -1.85 -5.19
CA HIS B 139 14.74 -0.47 -5.57
C HIS B 139 13.54 0.44 -5.32
N ILE B 140 13.82 1.73 -5.40
CA ILE B 140 12.85 2.84 -5.26
C ILE B 140 12.50 3.33 -6.67
N GLU B 141 11.20 3.43 -6.94
CA GLU B 141 10.63 4.14 -8.12
C GLU B 141 10.45 5.59 -7.70
N VAL B 142 11.36 6.48 -8.11
CA VAL B 142 11.52 7.81 -7.46
C VAL B 142 10.31 8.71 -7.77
N PRO B 143 9.98 9.03 -9.04
CA PRO B 143 8.85 9.94 -9.28
C PRO B 143 7.54 9.37 -8.75
N GLU B 144 7.40 8.05 -8.80
CA GLU B 144 6.19 7.38 -8.25
C GLU B 144 6.06 7.69 -6.76
N ASP B 145 7.11 7.48 -5.97
CA ASP B 145 7.03 7.71 -4.51
C ASP B 145 6.95 9.21 -4.20
N MET B 146 7.66 10.05 -4.97
CA MET B 146 7.58 11.53 -4.72
C MET B 146 6.15 12.01 -4.99
N THR B 147 5.47 11.45 -5.99
CA THR B 147 4.09 11.88 -6.33
C THR B 147 3.13 11.37 -5.25
N ARG B 148 3.33 10.14 -4.73
CA ARG B 148 2.55 9.65 -3.57
C ARG B 148 2.66 10.66 -2.42
N LEU B 149 3.88 11.09 -2.13
CA LEU B 149 4.16 12.02 -1.00
C LEU B 149 3.44 13.36 -1.23
N THR B 150 3.68 14.01 -2.37
CA THR B 150 3.20 15.39 -2.58
C THR B 150 1.67 15.40 -2.70
N LEU B 151 1.09 14.40 -3.33
CA LEU B 151 -0.39 14.31 -3.35
C LEU B 151 -0.90 14.19 -1.91
N ASP B 152 -0.30 13.32 -1.10
CA ASP B 152 -0.81 13.09 0.27
C ASP B 152 -0.68 14.39 1.06
N THR B 153 0.41 15.12 0.88
CA THR B 153 0.64 16.35 1.67
C THR B 153 -0.46 17.35 1.34
N ILE B 154 -0.75 17.56 0.05
CA ILE B 154 -1.77 18.60 -0.29
C ILE B 154 -3.18 18.11 0.11
N GLY B 155 -3.47 16.81 0.08
CA GLY B 155 -4.78 16.34 0.59
C GLY B 155 -4.97 16.68 2.05
N LEU B 156 -3.94 16.46 2.87
CA LEU B 156 -4.02 16.69 4.33
C LEU B 156 -4.09 18.21 4.61
N CYS B 157 -3.14 18.99 4.10
CA CYS B 157 -3.08 20.46 4.29
C CYS B 157 -4.24 21.17 3.58
N GLY B 158 -4.74 20.63 2.48
CA GLY B 158 -5.80 21.27 1.70
C GLY B 158 -7.15 21.11 2.36
N PHE B 159 -7.51 19.90 2.77
CA PHE B 159 -8.89 19.63 3.26
C PHE B 159 -8.93 18.44 4.20
N ASN B 160 -7.82 18.17 4.91
CA ASN B 160 -7.79 17.18 6.01
C ASN B 160 -8.27 15.82 5.47
N TYR B 161 -7.86 15.48 4.26
CA TYR B 161 -8.22 14.20 3.60
C TYR B 161 -6.95 13.38 3.42
N ARG B 162 -7.01 12.10 3.76
CA ARG B 162 -5.91 11.14 3.56
C ARG B 162 -6.11 10.37 2.25
N PHE B 163 -5.33 10.70 1.23
CA PHE B 163 -5.31 9.88 0.00
C PHE B 163 -4.70 8.49 0.31
N ASN B 164 -3.88 8.36 1.36
CA ASN B 164 -3.27 7.07 1.75
C ASN B 164 -2.52 6.46 0.55
N SER B 165 -1.77 7.28 -0.19
CA SER B 165 -1.07 6.86 -1.42
C SER B 165 -0.03 5.76 -1.13
N PHE B 166 0.56 5.69 0.07
CA PHE B 166 1.55 4.65 0.39
C PHE B 166 0.89 3.31 0.70
N TYR B 167 -0.45 3.25 0.76
CA TYR B 167 -1.20 2.01 1.05
C TYR B 167 -1.74 1.37 -0.22
N ARG B 168 -1.60 1.99 -1.39
CA ARG B 168 -2.23 1.42 -2.61
C ARG B 168 -1.31 1.59 -3.81
N ASP B 169 -1.56 0.75 -4.81
CA ASP B 169 -0.97 0.82 -6.17
C ASP B 169 -1.97 1.58 -7.06
N GLN B 170 -3.28 1.34 -6.91
CA GLN B 170 -4.31 1.91 -7.85
C GLN B 170 -4.68 3.31 -7.41
N PRO B 171 -4.72 4.30 -8.33
CA PRO B 171 -5.05 5.67 -7.94
C PRO B 171 -6.46 5.79 -7.35
N HIS B 172 -6.64 6.81 -6.53
CA HIS B 172 -7.96 7.31 -6.08
C HIS B 172 -8.81 7.66 -7.30
N PRO B 173 -10.14 7.40 -7.30
CA PRO B 173 -11.00 7.77 -8.43
C PRO B 173 -10.89 9.23 -8.89
N PHE B 174 -10.72 10.16 -7.95
CA PHE B 174 -10.53 11.59 -8.30
C PHE B 174 -9.26 11.72 -9.15
N ILE B 175 -8.18 11.04 -8.75
CA ILE B 175 -6.84 11.19 -9.39
C ILE B 175 -6.87 10.52 -10.76
N THR B 176 -7.53 9.37 -10.89
CA THR B 176 -7.74 8.74 -12.23
C THR B 176 -8.32 9.80 -13.17
N SER B 177 -9.38 10.48 -12.77
CA SER B 177 -10.06 11.48 -13.64
C SER B 177 -9.14 12.69 -13.86
N MET B 178 -8.45 13.14 -12.81
CA MET B 178 -7.62 14.36 -12.90
C MET B 178 -6.43 14.11 -13.84
N VAL B 179 -5.75 12.98 -13.71
CA VAL B 179 -4.60 12.62 -14.59
C VAL B 179 -5.09 12.49 -16.04
N ARG B 180 -6.26 11.89 -16.25
CA ARG B 180 -6.81 11.66 -17.62
C ARG B 180 -7.23 13.02 -18.22
N ALA B 181 -7.79 13.91 -17.40
CA ALA B 181 -8.20 15.27 -17.85
C ALA B 181 -6.93 16.07 -18.21
N LEU B 182 -5.87 15.99 -17.40
CA LEU B 182 -4.61 16.71 -17.70
C LEU B 182 -4.01 16.15 -19.01
N ASP B 183 -4.11 14.84 -19.24
CA ASP B 183 -3.58 14.17 -20.44
C ASP B 183 -4.36 14.72 -21.65
N GLU B 184 -5.69 14.81 -21.54
CA GLU B 184 -6.54 15.31 -22.66
C GLU B 184 -6.19 16.78 -22.94
N ALA B 185 -6.10 17.63 -21.93
CA ALA B 185 -5.76 19.06 -22.11
C ALA B 185 -4.43 19.19 -22.86
N MET B 186 -3.41 18.48 -22.41
CA MET B 186 -2.05 18.65 -22.98
C MET B 186 -1.95 18.00 -24.37
N ASN B 187 -2.67 16.91 -24.61
N ASN B 187 -2.67 16.91 -24.62
CA ASN B 187 -2.69 16.20 -25.92
CA ASN B 187 -2.67 16.25 -25.97
C ASN B 187 -3.50 17.02 -26.95
C ASN B 187 -3.44 17.13 -26.96
N LYS B 188 -4.54 17.73 -26.52
CA LYS B 188 -5.45 18.47 -27.44
C LYS B 188 -4.72 19.63 -28.14
N LEU B 189 -3.77 20.26 -27.43
N LEU B 189 -3.74 20.27 -27.50
CA LEU B 189 -2.81 21.30 -27.91
CA LEU B 189 -3.10 21.47 -28.12
C LEU B 189 -2.31 20.96 -29.31
C LEU B 189 -2.12 21.02 -29.23
N GLN B 190 -1.88 19.71 -29.40
CA GLN B 190 -1.02 19.17 -30.49
C GLN B 190 -1.87 18.86 -31.73
N ARG B 191 -3.19 18.72 -31.57
CA ARG B 191 -4.06 18.14 -32.62
C ARG B 191 -4.18 19.11 -33.80
N ALA B 192 -3.65 18.69 -34.95
CA ALA B 192 -3.72 19.38 -36.26
C ALA B 192 -5.16 19.39 -36.77
N ASN B 193 -5.92 18.32 -36.49
CA ASN B 193 -7.34 18.19 -36.87
C ASN B 193 -8.14 17.75 -35.65
N PRO B 194 -8.50 18.70 -34.75
CA PRO B 194 -9.18 18.36 -33.50
C PRO B 194 -10.61 17.80 -33.63
N ASP B 195 -11.19 17.78 -34.84
CA ASP B 195 -12.56 17.24 -35.09
C ASP B 195 -12.51 15.85 -35.74
N ASP B 196 -11.31 15.34 -36.07
CA ASP B 196 -11.09 13.93 -36.47
C ASP B 196 -11.89 13.04 -35.52
N PRO B 197 -12.71 12.11 -36.04
CA PRO B 197 -13.39 11.13 -35.19
C PRO B 197 -12.52 10.29 -34.24
N ALA B 198 -11.21 10.17 -34.50
CA ALA B 198 -10.26 9.43 -33.64
C ALA B 198 -10.26 10.02 -32.22
N TYR B 199 -10.79 11.24 -32.04
CA TYR B 199 -10.78 11.99 -30.76
C TYR B 199 -12.18 12.02 -30.11
N ASP B 200 -13.20 11.43 -30.75
CA ASP B 200 -14.59 11.42 -30.21
C ASP B 200 -14.65 10.79 -28.81
N GLU B 201 -14.06 9.61 -28.61
CA GLU B 201 -14.07 8.94 -27.28
C GLU B 201 -13.30 9.82 -26.28
N ASN B 202 -12.20 10.46 -26.70
CA ASN B 202 -11.38 11.33 -25.82
C ASN B 202 -12.27 12.45 -25.28
N LYS B 203 -13.10 13.05 -26.13
CA LYS B 203 -14.01 14.17 -25.76
C LYS B 203 -15.07 13.67 -24.78
N ARG B 204 -15.64 12.48 -24.98
CA ARG B 204 -16.72 11.95 -24.09
C ARG B 204 -16.13 11.70 -22.70
N GLN B 205 -14.98 11.04 -22.67
CA GLN B 205 -14.24 10.71 -21.44
C GLN B 205 -13.89 11.99 -20.67
N PHE B 206 -13.50 13.06 -21.39
CA PHE B 206 -13.12 14.35 -20.74
C PHE B 206 -14.33 14.90 -19.98
N GLN B 207 -15.52 14.94 -20.60
CA GLN B 207 -16.74 15.47 -19.95
C GLN B 207 -17.07 14.63 -18.71
N GLU B 208 -16.88 13.31 -18.78
CA GLU B 208 -17.12 12.35 -17.67
C GLU B 208 -16.14 12.67 -16.53
N ASP B 209 -14.87 12.92 -16.86
CA ASP B 209 -13.81 13.19 -15.84
C ASP B 209 -14.06 14.54 -15.14
N ILE B 210 -14.50 15.56 -15.88
CA ILE B 210 -14.89 16.87 -15.29
C ILE B 210 -16.01 16.63 -14.28
N LYS B 211 -17.02 15.84 -14.66
CA LYS B 211 -18.16 15.53 -13.76
C LYS B 211 -17.65 14.86 -12.49
N VAL B 212 -16.80 13.83 -12.60
CA VAL B 212 -16.28 13.10 -11.42
C VAL B 212 -15.58 14.12 -10.52
N MET B 213 -14.69 14.94 -11.09
CA MET B 213 -13.90 15.87 -10.24
C MET B 213 -14.86 16.82 -9.52
N ASN B 214 -15.82 17.39 -10.25
CA ASN B 214 -16.77 18.36 -9.65
C ASN B 214 -17.61 17.67 -8.57
N ASP B 215 -18.09 16.45 -8.83
CA ASP B 215 -19.00 15.75 -7.88
C ASP B 215 -18.23 15.45 -6.58
N LEU B 216 -17.02 14.93 -6.69
CA LEU B 216 -16.24 14.50 -5.50
C LEU B 216 -15.80 15.74 -4.69
N VAL B 217 -15.33 16.80 -5.35
CA VAL B 217 -14.88 18.01 -4.58
C VAL B 217 -16.11 18.74 -4.02
N ASP B 218 -17.22 18.79 -4.75
CA ASP B 218 -18.45 19.44 -4.24
C ASP B 218 -18.89 18.71 -2.96
N LYS B 219 -18.75 17.37 -2.92
N LYS B 219 -18.76 17.37 -2.90
CA LYS B 219 -19.11 16.54 -1.73
CA LYS B 219 -19.14 16.58 -1.69
C LYS B 219 -18.18 16.86 -0.55
C LYS B 219 -18.17 16.88 -0.54
N ILE B 220 -16.87 17.04 -0.80
CA ILE B 220 -15.91 17.45 0.27
C ILE B 220 -16.42 18.73 0.94
N ILE B 221 -16.76 19.73 0.14
CA ILE B 221 -17.17 21.08 0.64
C ILE B 221 -18.50 20.95 1.40
N ALA B 222 -19.47 20.23 0.84
CA ALA B 222 -20.80 20.04 1.43
C ALA B 222 -20.64 19.31 2.79
N ASP B 223 -19.83 18.25 2.83
CA ASP B 223 -19.57 17.47 4.07
C ASP B 223 -18.94 18.37 5.14
N ARG B 224 -17.98 19.21 4.78
CA ARG B 224 -17.29 20.10 5.73
C ARG B 224 -18.29 21.14 6.28
N LYS B 225 -19.11 21.73 5.42
CA LYS B 225 -20.14 22.70 5.89
C LYS B 225 -21.12 21.98 6.86
N ALA B 226 -21.46 20.72 6.60
CA ALA B 226 -22.46 19.98 7.42
C ALA B 226 -21.87 19.63 8.79
N SER B 227 -20.56 19.37 8.88
CA SER B 227 -19.92 18.86 10.11
C SER B 227 -19.67 20.03 11.07
N GLY B 228 -19.43 21.22 10.53
CA GLY B 228 -18.99 22.40 11.29
C GLY B 228 -17.51 22.35 11.67
N GLU B 229 -16.79 21.30 11.30
CA GLU B 229 -15.41 21.10 11.80
C GLU B 229 -14.55 22.30 11.37
N GLN B 230 -13.69 22.77 12.28
CA GLN B 230 -12.77 23.93 12.06
C GLN B 230 -11.31 23.46 12.03
N SER B 231 -10.98 22.48 11.20
CA SER B 231 -9.57 22.01 11.02
C SER B 231 -8.73 23.13 10.39
N ASP B 232 -7.45 23.19 10.69
CA ASP B 232 -6.57 24.28 10.20
C ASP B 232 -6.04 23.88 8.83
N ASP B 233 -6.92 23.90 7.84
CA ASP B 233 -6.59 23.52 6.45
C ASP B 233 -7.10 24.63 5.53
N LEU B 234 -6.72 24.56 4.27
CA LEU B 234 -7.04 25.59 3.28
C LEU B 234 -8.55 25.67 3.12
N LEU B 235 -9.26 24.55 3.22
CA LEU B 235 -10.73 24.56 3.04
C LEU B 235 -11.38 25.38 4.16
N THR B 236 -10.96 25.18 5.42
CA THR B 236 -11.50 26.02 6.53
C THR B 236 -11.23 27.49 6.25
N HIS B 237 -10.01 27.82 5.83
CA HIS B 237 -9.64 29.23 5.53
C HIS B 237 -10.56 29.79 4.44
N MET B 238 -10.88 29.01 3.41
CA MET B 238 -11.74 29.49 2.30
C MET B 238 -13.21 29.59 2.74
N LEU B 239 -13.69 28.70 3.60
CA LEU B 239 -15.08 28.79 4.13
C LEU B 239 -15.25 30.01 5.06
N ASN B 240 -14.21 30.41 5.79
CA ASN B 240 -14.30 31.47 6.82
C ASN B 240 -13.76 32.82 6.33
N GLY B 241 -12.92 32.82 5.31
CA GLY B 241 -12.17 34.02 4.87
C GLY B 241 -13.03 35.03 4.14
N LYS B 242 -12.71 36.31 4.30
CA LYS B 242 -13.40 37.41 3.61
C LYS B 242 -12.33 38.28 2.94
N ASP B 243 -12.55 38.62 1.69
CA ASP B 243 -11.64 39.53 0.95
C ASP B 243 -11.77 40.91 1.56
N PRO B 244 -10.69 41.57 2.03
CA PRO B 244 -10.82 42.92 2.58
C PRO B 244 -11.33 43.97 1.57
N GLU B 245 -11.07 43.78 0.27
N GLU B 245 -11.07 43.78 0.27
CA GLU B 245 -11.48 44.75 -0.78
CA GLU B 245 -11.47 44.73 -0.79
C GLU B 245 -13.01 44.70 -0.95
C GLU B 245 -13.00 44.70 -0.96
N THR B 246 -13.53 43.58 -1.46
CA THR B 246 -14.98 43.40 -1.74
C THR B 246 -15.76 43.18 -0.43
N GLY B 247 -15.09 42.65 0.60
CA GLY B 247 -15.72 42.18 1.84
C GLY B 247 -16.40 40.83 1.69
N GLU B 248 -16.29 40.18 0.52
CA GLU B 248 -17.03 38.93 0.22
C GLU B 248 -16.16 37.71 0.49
N PRO B 249 -16.77 36.57 0.86
CA PRO B 249 -16.10 35.28 0.85
C PRO B 249 -16.16 34.67 -0.55
N LEU B 250 -15.34 33.65 -0.77
CA LEU B 250 -15.41 32.81 -1.97
C LEU B 250 -16.73 32.03 -1.94
N ASP B 251 -17.39 31.88 -3.10
CA ASP B 251 -18.57 30.98 -3.21
C ASP B 251 -18.09 29.54 -3.39
N ASP B 252 -19.00 28.58 -3.19
CA ASP B 252 -18.68 27.14 -3.14
C ASP B 252 -18.10 26.67 -4.49
N GLU B 253 -18.56 27.23 -5.60
N GLU B 253 -18.55 27.23 -5.60
CA GLU B 253 -18.08 26.82 -6.94
CA GLU B 253 -18.06 26.81 -6.94
C GLU B 253 -16.60 27.23 -7.06
C GLU B 253 -16.60 27.24 -7.07
N ASN B 254 -16.29 28.46 -6.67
CA ASN B 254 -14.89 28.93 -6.76
C ASN B 254 -14.00 28.11 -5.79
N ILE B 255 -14.49 27.78 -4.59
CA ILE B 255 -13.72 26.92 -3.63
C ILE B 255 -13.40 25.59 -4.32
N ARG B 256 -14.37 24.99 -4.99
CA ARG B 256 -14.15 23.73 -5.72
C ARG B 256 -13.01 23.92 -6.72
N TYR B 257 -13.01 25.01 -7.49
CA TYR B 257 -11.93 25.25 -8.49
C TYR B 257 -10.57 25.41 -7.78
N GLN B 258 -10.53 26.07 -6.63
CA GLN B 258 -9.25 26.26 -5.91
C GLN B 258 -8.74 24.88 -5.47
N ILE B 259 -9.62 24.03 -4.95
CA ILE B 259 -9.23 22.68 -4.47
C ILE B 259 -8.70 21.86 -5.64
N ILE B 260 -9.40 21.87 -6.76
CA ILE B 260 -8.94 21.13 -7.97
C ILE B 260 -7.55 21.66 -8.34
N THR B 261 -7.38 22.98 -8.33
CA THR B 261 -6.09 23.61 -8.70
C THR B 261 -4.97 23.15 -7.74
N PHE B 262 -5.24 23.12 -6.44
CA PHE B 262 -4.22 22.72 -5.44
C PHE B 262 -3.87 21.24 -5.63
N LEU B 263 -4.84 20.40 -5.98
CA LEU B 263 -4.55 18.96 -6.20
C LEU B 263 -3.73 18.76 -7.48
N ILE B 264 -4.00 19.53 -8.52
CA ILE B 264 -3.14 19.48 -9.74
C ILE B 264 -1.71 19.87 -9.33
N ALA B 265 -1.54 20.98 -8.62
CA ALA B 265 -0.20 21.50 -8.26
C ALA B 265 0.53 20.45 -7.42
N GLY B 266 -0.13 19.93 -6.40
CA GLY B 266 0.52 18.97 -5.48
C GLY B 266 0.99 17.74 -6.23
N HIS B 267 0.14 17.22 -7.12
CA HIS B 267 0.43 15.99 -7.90
C HIS B 267 1.56 16.26 -8.91
N GLU B 268 1.55 17.41 -9.58
CA GLU B 268 2.41 17.63 -10.78
C GLU B 268 3.75 18.32 -10.48
N THR B 269 3.88 19.20 -9.49
CA THR B 269 5.05 20.13 -9.42
C THR B 269 6.11 19.71 -8.40
N THR B 270 5.80 19.73 -7.12
CA THR B 270 6.83 19.49 -6.07
C THR B 270 7.41 18.10 -6.27
N SER B 271 6.61 17.13 -6.72
CA SER B 271 7.08 15.74 -6.98
C SER B 271 8.15 15.74 -8.07
N GLY B 272 7.99 16.56 -9.10
CA GLY B 272 9.00 16.72 -10.15
C GLY B 272 10.30 17.29 -9.59
N LEU B 273 10.19 18.37 -8.82
CA LEU B 273 11.37 19.00 -8.18
C LEU B 273 12.12 17.96 -7.34
N LEU B 274 11.43 17.23 -6.47
CA LEU B 274 12.11 16.25 -5.58
C LEU B 274 12.81 15.19 -6.44
N SER B 275 12.14 14.73 -7.51
CA SER B 275 12.71 13.69 -8.39
C SER B 275 13.97 14.20 -9.07
N PHE B 276 13.92 15.41 -9.65
CA PHE B 276 15.13 16.02 -10.29
C PHE B 276 16.25 16.25 -9.26
N ALA B 277 15.91 16.71 -8.06
CA ALA B 277 16.92 16.95 -7.02
C ALA B 277 17.64 15.63 -6.72
N LEU B 278 16.90 14.54 -6.52
CA LEU B 278 17.58 13.26 -6.15
C LEU B 278 18.40 12.76 -7.35
N TYR B 279 17.89 12.94 -8.57
CA TYR B 279 18.66 12.62 -9.81
C TYR B 279 20.02 13.35 -9.77
N PHE B 280 20.01 14.66 -9.59
CA PHE B 280 21.27 15.44 -9.63
C PHE B 280 22.19 15.05 -8.46
N LEU B 281 21.63 14.75 -7.29
CA LEU B 281 22.46 14.31 -6.14
C LEU B 281 23.17 12.98 -6.47
N VAL B 282 22.50 11.98 -7.04
CA VAL B 282 23.17 10.67 -7.23
C VAL B 282 24.16 10.80 -8.40
N LYS B 283 23.96 11.76 -9.31
CA LYS B 283 24.89 12.00 -10.44
C LYS B 283 26.07 12.88 -10.02
N ASN B 284 26.02 13.48 -8.84
CA ASN B 284 27.04 14.44 -8.34
C ASN B 284 27.38 14.13 -6.89
N PRO B 285 28.13 13.02 -6.63
CA PRO B 285 28.37 12.56 -5.26
C PRO B 285 29.01 13.59 -4.33
N HIS B 286 29.83 14.51 -4.84
CA HIS B 286 30.41 15.58 -3.98
C HIS B 286 29.25 16.40 -3.40
N VAL B 287 28.30 16.76 -4.23
CA VAL B 287 27.13 17.59 -3.81
C VAL B 287 26.30 16.78 -2.81
N LEU B 288 26.09 15.50 -3.09
N LEU B 288 26.03 15.50 -3.09
CA LEU B 288 25.33 14.61 -2.18
CA LEU B 288 25.18 14.68 -2.20
C LEU B 288 26.05 14.57 -0.81
C LEU B 288 25.79 14.66 -0.79
N GLN B 289 27.38 14.47 -0.76
N GLN B 289 27.13 14.50 -0.69
CA GLN B 289 28.09 14.43 0.54
CA GLN B 289 27.85 14.41 0.61
C GLN B 289 27.81 15.73 1.33
C GLN B 289 27.75 15.75 1.35
N LYS B 290 27.91 16.89 0.66
CA LYS B 290 27.75 18.22 1.33
C LYS B 290 26.32 18.32 1.86
N ALA B 291 25.34 17.91 1.06
CA ALA B 291 23.93 18.02 1.47
C ALA B 291 23.66 17.06 2.62
N ALA B 292 24.19 15.84 2.56
CA ALA B 292 23.99 14.83 3.62
C ALA B 292 24.66 15.30 4.92
N GLU B 293 25.81 15.96 4.85
CA GLU B 293 26.49 16.47 6.06
C GLU B 293 25.54 17.46 6.75
N GLU B 294 24.93 18.35 5.97
CA GLU B 294 24.04 19.39 6.54
C GLU B 294 22.84 18.70 7.20
N ALA B 295 22.20 17.76 6.50
CA ALA B 295 21.01 17.05 7.02
C ALA B 295 21.38 16.39 8.36
N ALA B 296 22.53 15.73 8.44
CA ALA B 296 22.91 14.98 9.66
C ALA B 296 23.15 15.96 10.82
N ARG B 297 23.73 17.12 10.54
CA ARG B 297 24.15 18.08 11.59
C ARG B 297 22.91 18.82 12.12
N VAL B 298 21.97 19.12 11.24
CA VAL B 298 20.84 20.03 11.57
C VAL B 298 19.69 19.20 12.14
N LEU B 299 19.36 18.07 11.52
CA LEU B 299 18.14 17.27 11.88
C LEU B 299 18.48 16.31 13.02
N VAL B 300 18.72 16.87 14.20
CA VAL B 300 19.24 16.13 15.38
C VAL B 300 18.12 15.39 16.14
N ASP B 301 16.85 15.64 15.81
CA ASP B 301 15.69 15.01 16.49
C ASP B 301 15.00 14.03 15.57
N PRO B 302 14.32 12.99 16.11
CA PRO B 302 13.66 12.00 15.27
C PRO B 302 12.61 12.61 14.34
N VAL B 303 11.94 13.68 14.81
CA VAL B 303 10.91 14.45 14.07
C VAL B 303 11.49 15.83 13.80
N PRO B 304 11.76 16.22 12.54
CA PRO B 304 12.26 17.57 12.26
C PRO B 304 11.23 18.62 12.69
N SER B 305 11.75 19.71 13.25
CA SER B 305 11.00 20.94 13.60
C SER B 305 10.97 21.91 12.41
N TYR B 306 10.02 22.83 12.43
CA TYR B 306 9.95 23.96 11.48
C TYR B 306 11.31 24.69 11.47
N LYS B 307 11.83 25.04 12.65
N LYS B 307 11.82 25.08 12.64
CA LYS B 307 13.07 25.84 12.82
CA LYS B 307 13.08 25.86 12.74
C LYS B 307 14.27 25.10 12.20
C LYS B 307 14.23 25.08 12.09
N GLN B 308 14.31 23.77 12.33
CA GLN B 308 15.40 22.94 11.75
C GLN B 308 15.32 22.98 10.23
N VAL B 309 14.13 22.85 9.65
CA VAL B 309 14.01 22.84 8.17
C VAL B 309 14.55 24.18 7.65
N LYS B 310 14.32 25.28 8.35
CA LYS B 310 14.76 26.63 7.87
C LYS B 310 16.29 26.72 7.90
N GLN B 311 16.97 25.88 8.65
CA GLN B 311 18.46 25.88 8.76
C GLN B 311 19.09 25.08 7.62
N LEU B 312 18.30 24.38 6.80
CA LEU B 312 18.87 23.51 5.74
C LEU B 312 19.20 24.35 4.50
N LYS B 313 20.18 25.25 4.62
CA LYS B 313 20.56 26.23 3.57
C LYS B 313 21.04 25.49 2.32
N TYR B 314 21.96 24.53 2.47
CA TYR B 314 22.55 23.83 1.30
C TYR B 314 21.47 22.97 0.63
N VAL B 315 20.60 22.34 1.42
CA VAL B 315 19.48 21.58 0.82
C VAL B 315 18.64 22.53 -0.03
N GLY B 316 18.37 23.74 0.45
CA GLY B 316 17.65 24.76 -0.33
C GLY B 316 18.38 25.12 -1.62
N MET B 317 19.72 25.19 -1.57
CA MET B 317 20.57 25.53 -2.75
C MET B 317 20.48 24.41 -3.77
N VAL B 318 20.48 23.16 -3.30
CA VAL B 318 20.30 21.97 -4.16
C VAL B 318 18.95 22.07 -4.88
N LEU B 319 17.88 22.41 -4.16
CA LEU B 319 16.53 22.51 -4.78
C LEU B 319 16.52 23.65 -5.80
N ASN B 320 17.13 24.79 -5.50
CA ASN B 320 17.16 25.91 -6.46
C ASN B 320 17.94 25.53 -7.72
N GLU B 321 19.05 24.81 -7.56
CA GLU B 321 19.87 24.38 -8.72
C GLU B 321 19.09 23.35 -9.56
N ALA B 322 18.30 22.47 -8.94
CA ALA B 322 17.41 21.55 -9.69
C ALA B 322 16.33 22.35 -10.44
N LEU B 323 15.76 23.37 -9.82
CA LEU B 323 14.77 24.25 -10.49
C LEU B 323 15.46 25.04 -11.62
N ARG B 324 16.73 25.37 -11.46
CA ARG B 324 17.42 26.11 -12.55
C ARG B 324 17.42 25.20 -13.78
N LEU B 325 17.96 23.99 -13.66
CA LEU B 325 18.16 23.15 -14.85
C LEU B 325 16.82 22.60 -15.35
N TRP B 326 15.92 22.19 -14.47
CA TRP B 326 14.66 21.55 -14.90
C TRP B 326 13.51 22.16 -14.09
N PRO B 327 13.12 23.41 -14.42
CA PRO B 327 11.97 24.04 -13.77
C PRO B 327 10.71 23.23 -14.15
N THR B 328 10.12 22.56 -13.18
N THR B 328 10.11 22.55 -13.18
CA THR B 328 9.11 21.48 -13.41
CA THR B 328 9.13 21.48 -13.46
C THR B 328 7.87 22.06 -14.11
C THR B 328 7.87 22.07 -14.12
N ALA B 329 7.51 23.33 -13.84
CA ALA B 329 6.47 24.07 -14.58
C ALA B 329 7.19 24.96 -15.59
N PRO B 330 7.40 24.52 -16.85
CA PRO B 330 8.50 25.06 -17.66
C PRO B 330 8.23 26.32 -18.49
N ALA B 331 7.02 26.84 -18.43
CA ALA B 331 6.65 28.00 -19.27
C ALA B 331 5.56 28.82 -18.59
N PHE B 332 5.55 30.11 -18.89
CA PHE B 332 4.36 30.96 -18.66
C PHE B 332 4.22 31.92 -19.84
N SER B 333 3.03 32.50 -19.93
CA SER B 333 2.59 33.28 -21.10
C SER B 333 2.21 34.69 -20.65
N LEU B 334 2.49 35.68 -21.50
CA LEU B 334 2.19 37.10 -21.24
C LEU B 334 1.51 37.71 -22.46
N TYR B 335 0.73 38.78 -22.26
CA TYR B 335 0.23 39.59 -23.39
C TYR B 335 0.59 41.04 -23.15
N ALA B 336 0.84 41.76 -24.23
CA ALA B 336 1.13 43.21 -24.20
C ALA B 336 -0.14 44.00 -23.84
N LYS B 337 -0.09 44.77 -22.76
CA LYS B 337 -1.24 45.62 -22.30
C LYS B 337 -1.47 46.74 -23.33
N GLU B 338 -0.41 47.23 -23.97
CA GLU B 338 -0.47 48.31 -24.99
C GLU B 338 0.62 48.05 -26.05
N ASP B 339 0.53 48.68 -27.21
CA ASP B 339 1.66 48.72 -28.18
C ASP B 339 2.94 49.06 -27.42
N THR B 340 4.02 48.36 -27.70
CA THR B 340 5.32 48.57 -27.03
C THR B 340 6.40 47.91 -27.88
N VAL B 341 7.65 48.30 -27.66
CA VAL B 341 8.82 47.74 -28.36
C VAL B 341 9.60 46.89 -27.37
N LEU B 342 9.76 45.61 -27.69
CA LEU B 342 10.54 44.66 -26.85
C LEU B 342 12.03 44.77 -27.21
N GLY B 343 12.88 45.11 -26.24
CA GLY B 343 14.34 45.04 -26.39
C GLY B 343 14.88 45.99 -27.45
N GLY B 344 14.16 47.09 -27.70
CA GLY B 344 14.49 48.10 -28.72
C GLY B 344 14.45 47.58 -30.14
N GLU B 345 13.95 46.36 -30.39
CA GLU B 345 14.14 45.66 -31.69
C GLU B 345 12.83 45.05 -32.22
N TYR B 346 11.87 44.66 -31.36
CA TYR B 346 10.68 43.85 -31.77
C TYR B 346 9.39 44.59 -31.39
N PRO B 347 8.78 45.32 -32.35
CA PRO B 347 7.53 46.02 -32.09
C PRO B 347 6.40 45.02 -31.85
N LEU B 348 5.64 45.26 -30.78
CA LEU B 348 4.45 44.46 -30.41
C LEU B 348 3.24 45.39 -30.40
N GLU B 349 2.10 44.86 -30.84
CA GLU B 349 0.78 45.52 -30.70
C GLU B 349 0.11 45.04 -29.42
N LYS B 350 -0.71 45.91 -28.83
CA LYS B 350 -1.66 45.55 -27.76
C LYS B 350 -2.27 44.18 -28.05
N GLY B 351 -2.17 43.25 -27.07
CA GLY B 351 -2.74 41.90 -27.14
C GLY B 351 -1.76 40.86 -27.67
N ASP B 352 -0.61 41.26 -28.23
CA ASP B 352 0.36 40.28 -28.75
C ASP B 352 0.85 39.40 -27.59
N GLU B 353 1.02 38.11 -27.85
CA GLU B 353 1.43 37.10 -26.84
C GLU B 353 2.93 36.81 -26.88
N LEU B 354 3.44 36.50 -25.70
CA LEU B 354 4.82 36.01 -25.46
C LEU B 354 4.74 34.72 -24.65
N MET B 355 5.68 33.81 -24.92
N MET B 355 5.68 33.80 -24.90
CA MET B 355 5.91 32.60 -24.08
CA MET B 355 5.88 32.59 -24.07
C MET B 355 7.31 32.72 -23.49
C MET B 355 7.31 32.63 -23.50
N VAL B 356 7.43 32.55 -22.18
CA VAL B 356 8.74 32.51 -21.49
C VAL B 356 9.13 31.03 -21.35
N LEU B 357 10.23 30.65 -21.99
CA LEU B 357 10.76 29.26 -21.93
C LEU B 357 11.73 29.21 -20.75
N ILE B 358 11.22 28.79 -19.60
CA ILE B 358 12.00 28.96 -18.33
C ILE B 358 13.31 28.15 -18.41
N PRO B 359 13.34 26.89 -18.92
CA PRO B 359 14.60 26.12 -18.95
C PRO B 359 15.67 26.83 -19.77
N GLN B 360 15.28 27.60 -20.78
CA GLN B 360 16.26 28.31 -21.64
C GLN B 360 16.73 29.58 -20.95
N LEU B 361 15.82 30.33 -20.34
CA LEU B 361 16.23 31.46 -19.47
C LEU B 361 17.36 30.99 -18.55
N HIS B 362 17.15 29.84 -17.92
CA HIS B 362 18.06 29.32 -16.85
C HIS B 362 19.37 28.78 -17.45
N ARG B 363 19.51 28.83 -18.78
CA ARG B 363 20.72 28.41 -19.51
C ARG B 363 21.38 29.59 -20.23
N ASP B 364 21.00 30.82 -19.88
CA ASP B 364 21.54 32.05 -20.50
C ASP B 364 22.99 32.21 -20.02
N LYS B 365 23.96 31.92 -20.89
CA LYS B 365 25.40 31.94 -20.51
C LYS B 365 25.85 33.35 -20.11
N THR B 366 25.18 34.39 -20.60
CA THR B 366 25.54 35.80 -20.28
C THR B 366 25.23 36.04 -18.79
N ILE B 367 24.37 35.22 -18.19
CA ILE B 367 24.01 35.34 -16.74
C ILE B 367 24.80 34.33 -15.91
N TRP B 368 24.84 33.07 -16.31
CA TRP B 368 25.30 31.95 -15.45
C TRP B 368 26.75 31.54 -15.74
N GLY B 369 27.33 31.98 -16.87
CA GLY B 369 28.70 31.59 -17.28
C GLY B 369 28.71 30.34 -18.16
N ASP B 370 29.91 29.84 -18.48
CA ASP B 370 30.13 28.79 -19.51
C ASP B 370 29.58 27.45 -19.03
N ASP B 371 29.57 27.23 -17.71
CA ASP B 371 29.32 25.92 -17.05
C ASP B 371 27.82 25.68 -16.81
N VAL B 372 26.93 26.26 -17.62
N VAL B 372 26.94 26.20 -17.67
CA VAL B 372 25.45 26.31 -17.39
CA VAL B 372 25.48 26.32 -17.40
C VAL B 372 24.88 24.90 -17.19
C VAL B 372 24.81 24.94 -17.30
N GLU B 373 25.39 23.89 -17.91
CA GLU B 373 24.81 22.52 -17.87
C GLU B 373 25.26 21.77 -16.62
N GLU B 374 26.21 22.30 -15.84
CA GLU B 374 26.75 21.61 -14.66
C GLU B 374 25.84 21.91 -13.45
N PHE B 375 25.70 20.90 -12.59
CA PHE B 375 24.88 20.98 -11.36
C PHE B 375 25.77 21.48 -10.24
N ARG B 376 25.65 22.77 -9.90
CA ARG B 376 26.53 23.43 -8.89
C ARG B 376 25.64 24.26 -7.98
N PRO B 377 25.15 23.70 -6.86
CA PRO B 377 24.32 24.46 -5.94
C PRO B 377 25.02 25.70 -5.39
N GLU B 378 26.36 25.70 -5.39
CA GLU B 378 27.17 26.85 -4.92
C GLU B 378 26.83 28.13 -5.69
N ARG B 379 26.22 28.03 -6.88
CA ARG B 379 25.78 29.23 -7.64
C ARG B 379 24.80 30.03 -6.79
N PHE B 380 24.10 29.37 -5.85
CA PHE B 380 23.00 29.96 -5.03
C PHE B 380 23.50 30.33 -3.61
N GLU B 381 24.80 30.27 -3.37
CA GLU B 381 25.43 30.55 -2.04
C GLU B 381 25.03 31.94 -1.57
N ASN B 382 25.08 32.88 -2.52
CA ASN B 382 24.86 34.34 -2.33
C ASN B 382 23.66 34.76 -3.17
N PRO B 383 22.42 34.77 -2.61
CA PRO B 383 21.23 35.05 -3.41
C PRO B 383 21.27 36.43 -4.08
N SER B 384 21.97 37.39 -3.46
CA SER B 384 22.05 38.79 -3.96
C SER B 384 22.81 38.82 -5.29
N ALA B 385 23.59 37.78 -5.61
CA ALA B 385 24.40 37.69 -6.85
C ALA B 385 23.53 37.27 -8.06
N ILE B 386 22.33 36.75 -7.84
CA ILE B 386 21.41 36.36 -8.97
C ILE B 386 20.75 37.63 -9.49
N PRO B 387 20.96 38.09 -10.75
CA PRO B 387 20.22 39.26 -11.24
C PRO B 387 18.69 39.10 -11.27
N GLN B 388 17.97 40.23 -11.18
CA GLN B 388 16.49 40.25 -11.23
C GLN B 388 16.03 39.59 -12.54
N HIS B 389 15.05 38.70 -12.45
CA HIS B 389 14.39 38.04 -13.61
C HIS B 389 15.34 37.07 -14.32
N ALA B 390 16.47 36.68 -13.71
CA ALA B 390 17.37 35.62 -14.22
C ALA B 390 16.84 34.23 -13.84
N PHE B 391 16.10 34.13 -12.74
CA PHE B 391 15.71 32.83 -12.13
C PHE B 391 14.22 32.92 -11.84
N LYS B 392 13.40 32.20 -12.62
N LYS B 392 13.40 32.20 -12.62
CA LYS B 392 11.92 32.38 -12.56
CA LYS B 392 11.93 32.38 -12.57
C LYS B 392 11.17 31.05 -12.53
C LYS B 392 11.16 31.05 -12.53
N PRO B 393 11.56 30.07 -11.68
CA PRO B 393 10.84 28.79 -11.66
C PRO B 393 9.41 28.92 -11.10
N PHE B 394 9.09 30.03 -10.43
CA PHE B 394 7.76 30.27 -9.83
C PHE B 394 7.03 31.40 -10.56
N GLY B 395 7.44 31.70 -11.80
CA GLY B 395 6.79 32.76 -12.58
C GLY B 395 7.09 34.16 -12.06
N ASN B 396 6.15 35.09 -12.23
CA ASN B 396 6.44 36.53 -12.12
C ASN B 396 5.33 37.33 -11.43
N GLY B 397 5.76 38.24 -10.54
CA GLY B 397 4.95 39.37 -10.05
C GLY B 397 3.74 38.90 -9.30
N GLN B 398 2.62 39.60 -9.44
CA GLN B 398 1.39 39.28 -8.66
C GLN B 398 0.83 37.92 -9.12
N ARG B 399 1.22 37.44 -10.31
CA ARG B 399 0.75 36.15 -10.86
C ARG B 399 1.80 35.06 -10.63
N ALA B 400 2.76 35.29 -9.72
CA ALA B 400 3.76 34.25 -9.38
C ALA B 400 3.06 33.15 -8.56
N CYS B 401 3.72 32.02 -8.44
CA CYS B 401 3.19 30.83 -7.73
C CYS B 401 2.80 31.18 -6.30
N ILE B 402 1.52 31.04 -5.94
CA ILE B 402 1.12 31.27 -4.52
C ILE B 402 1.71 30.15 -3.63
N GLY B 403 2.00 29.00 -4.22
CA GLY B 403 2.45 27.80 -3.52
C GLY B 403 3.96 27.77 -3.25
N GLN B 404 4.71 28.83 -3.59
CA GLN B 404 6.20 28.73 -3.57
C GLN B 404 6.73 28.32 -2.17
N GLN B 405 6.26 28.97 -1.11
N GLN B 405 6.26 28.97 -1.11
CA GLN B 405 6.78 28.71 0.26
CA GLN B 405 6.76 28.71 0.26
C GLN B 405 6.38 27.29 0.68
C GLN B 405 6.39 27.29 0.67
N PHE B 406 5.16 26.87 0.34
CA PHE B 406 4.61 25.54 0.65
C PHE B 406 5.49 24.47 -0.02
N ALA B 407 5.72 24.59 -1.34
CA ALA B 407 6.52 23.65 -2.14
C ALA B 407 7.94 23.59 -1.58
N LEU B 408 8.56 24.72 -1.32
CA LEU B 408 9.97 24.69 -0.86
C LEU B 408 10.07 24.16 0.57
N HIS B 409 9.08 24.42 1.43
CA HIS B 409 9.10 23.88 2.81
C HIS B 409 9.00 22.36 2.73
N GLU B 410 8.02 21.84 1.99
CA GLU B 410 7.80 20.39 1.85
C GLU B 410 9.08 19.76 1.28
N ALA B 411 9.61 20.32 0.20
CA ALA B 411 10.74 19.69 -0.53
C ALA B 411 11.99 19.72 0.34
N THR B 412 12.18 20.79 1.11
CA THR B 412 13.38 20.91 1.96
C THR B 412 13.25 19.90 3.11
N LEU B 413 12.08 19.80 3.73
CA LEU B 413 11.84 18.83 4.83
C LEU B 413 12.12 17.41 4.33
N VAL B 414 11.51 17.04 3.21
CA VAL B 414 11.54 15.64 2.71
C VAL B 414 12.98 15.31 2.27
N LEU B 415 13.60 16.20 1.49
CA LEU B 415 14.96 15.91 0.98
C LEU B 415 15.94 15.86 2.18
N GLY B 416 15.76 16.71 3.18
CA GLY B 416 16.59 16.65 4.40
C GLY B 416 16.44 15.31 5.09
N MET B 417 15.21 14.85 5.26
CA MET B 417 14.97 13.54 5.92
C MET B 417 15.54 12.40 5.07
N MET B 418 15.38 12.46 3.75
CA MET B 418 15.93 11.39 2.87
C MET B 418 17.45 11.32 3.04
N LEU B 419 18.12 12.47 3.07
CA LEU B 419 19.61 12.53 3.14
C LEU B 419 20.11 12.15 4.55
N LYS B 420 19.30 12.39 5.58
CA LYS B 420 19.63 11.99 6.96
C LYS B 420 19.58 10.45 7.06
N HIS B 421 18.55 9.83 6.49
CA HIS B 421 18.21 8.42 6.82
C HIS B 421 18.85 7.39 5.87
N PHE B 422 19.29 7.80 4.66
CA PHE B 422 19.75 6.84 3.62
C PHE B 422 20.98 7.34 2.88
N ASP B 423 21.82 6.39 2.48
CA ASP B 423 22.77 6.52 1.36
C ASP B 423 22.02 6.06 0.10
N PHE B 424 22.38 6.59 -1.04
CA PHE B 424 21.71 6.31 -2.33
C PHE B 424 22.73 5.80 -3.35
N GLU B 425 22.28 4.86 -4.17
CA GLU B 425 23.06 4.27 -5.27
C GLU B 425 22.24 4.41 -6.57
N ASP B 426 22.90 4.96 -7.59
CA ASP B 426 22.42 4.96 -8.99
C ASP B 426 22.77 3.60 -9.59
N HIS B 427 22.08 2.55 -9.19
CA HIS B 427 22.50 1.15 -9.50
C HIS B 427 22.30 0.81 -10.98
N THR B 428 21.47 1.54 -11.73
CA THR B 428 21.25 1.26 -13.17
C THR B 428 22.03 2.23 -14.08
N ASN B 429 22.78 3.18 -13.53
CA ASN B 429 23.43 4.26 -14.32
C ASN B 429 22.34 4.90 -15.19
N TYR B 430 21.31 5.40 -14.53
CA TYR B 430 20.05 5.87 -15.15
C TYR B 430 20.33 7.00 -16.15
N GLU B 431 19.75 6.88 -17.34
CA GLU B 431 19.84 7.86 -18.43
C GLU B 431 18.60 8.75 -18.33
N LEU B 432 18.79 10.04 -18.04
CA LEU B 432 17.64 10.96 -17.82
C LEU B 432 16.68 10.88 -19.01
N ASP B 433 15.41 10.67 -18.70
CA ASP B 433 14.30 10.61 -19.67
C ASP B 433 13.17 11.43 -19.06
N ILE B 434 12.80 12.55 -19.68
CA ILE B 434 11.91 13.54 -19.04
C ILE B 434 10.52 13.41 -19.66
N LYS B 435 9.57 12.94 -18.87
CA LYS B 435 8.16 12.84 -19.30
C LYS B 435 7.49 14.21 -19.13
N GLU B 436 6.64 14.58 -20.07
CA GLU B 436 5.87 15.85 -20.02
C GLU B 436 4.39 15.52 -19.83
N THR B 437 3.81 16.02 -18.75
CA THR B 437 2.36 16.03 -18.49
C THR B 437 1.96 17.50 -18.55
N LEU B 438 1.38 18.06 -17.50
CA LEU B 438 1.38 19.53 -17.36
C LEU B 438 2.83 19.95 -17.11
N THR B 439 3.59 19.11 -16.45
CA THR B 439 4.91 19.47 -15.89
C THR B 439 5.96 18.46 -16.39
N LEU B 440 7.21 18.73 -16.05
CA LEU B 440 8.35 17.86 -16.38
C LEU B 440 8.68 16.97 -15.18
N LYS B 441 8.90 15.69 -15.40
CA LYS B 441 9.36 14.74 -14.37
C LYS B 441 10.27 13.72 -15.01
N PRO B 442 11.28 13.23 -14.27
CA PRO B 442 12.01 12.06 -14.72
C PRO B 442 11.03 10.90 -14.81
N GLU B 443 11.19 10.10 -15.85
CA GLU B 443 10.44 8.84 -16.04
C GLU B 443 11.43 7.67 -15.88
N GLY B 444 11.06 6.64 -15.13
CA GLY B 444 11.86 5.42 -15.05
C GLY B 444 13.07 5.58 -14.13
N PHE B 445 13.16 6.69 -13.38
CA PHE B 445 14.29 6.95 -12.48
C PHE B 445 14.13 6.05 -11.24
N VAL B 446 15.13 5.19 -11.04
CA VAL B 446 15.18 4.22 -9.92
C VAL B 446 16.52 4.35 -9.21
N VAL B 447 16.52 4.12 -7.91
CA VAL B 447 17.74 4.10 -7.07
C VAL B 447 17.59 2.99 -6.04
N LYS B 448 18.70 2.65 -5.40
CA LYS B 448 18.66 1.80 -4.20
C LYS B 448 19.07 2.70 -3.05
N ALA B 449 18.47 2.50 -1.88
N ALA B 449 18.38 2.53 -1.93
CA ALA B 449 18.75 3.30 -0.68
CA ALA B 449 18.72 3.16 -0.64
C ALA B 449 19.19 2.38 0.46
C ALA B 449 19.48 2.16 0.21
N LYS B 450 20.37 2.65 1.05
CA LYS B 450 20.94 1.82 2.13
C LYS B 450 20.71 2.60 3.41
N SER B 451 19.94 2.02 4.32
CA SER B 451 19.58 2.70 5.59
C SER B 451 20.84 3.05 6.37
N LYS B 452 20.92 4.27 6.90
CA LYS B 452 21.92 4.64 7.92
C LYS B 452 21.46 4.16 9.32
N LYS B 453 20.28 3.55 9.42
CA LYS B 453 19.72 2.89 10.64
C LYS B 453 19.63 3.91 11.76
N ILE B 454 19.11 5.09 11.44
CA ILE B 454 18.86 6.16 12.44
C ILE B 454 17.38 6.12 12.75
N PRO B 455 17.01 5.82 14.02
CA PRO B 455 15.61 5.64 14.38
C PRO B 455 14.78 6.92 14.19
N LEU B 456 13.51 6.72 13.93
CA LEU B 456 12.45 7.76 13.97
C LEU B 456 11.81 7.77 15.36
#